data_5Z69
#
_entry.id   5Z69
#
_cell.length_a   166.727
_cell.length_b   48.107
_cell.length_c   116.855
_cell.angle_alpha   90.00
_cell.angle_beta   100.06
_cell.angle_gamma   90.00
#
_symmetry.space_group_name_H-M   'C 1 2 1'
#
loop_
_entity.id
_entity.type
_entity.pdbx_description
1 polymer 'DNA replication and repair protein RecF'
2 non-polymer 'PHOSPHOTHIOPHOSPHORIC ACID-ADENYLATE ESTER'
3 water water
#
_entity_poly.entity_id   1
_entity_poly.type   'polypeptide(L)'
_entity_poly.pdbx_seq_one_letter_code
;HHHSQDPMYLKEIFVDNFRNLKKQKLEFCEGVNLIYGLNAQGKSNLLEAIRLLSMGRSFRGSKMSELVKFDEEYFYVRGL
VRSADFYEKKIEFGYKVNGNKVIKVNGNKLKSTGEILGHFLTVIFSPEDIEIIKEGPSRRRKYLDACISVIDKNYFFDLL
QYNKTLSNRNSLLKKIKEEGKGEDLLEIFDEKLAEYGARIIKVRNNYLEKLKNSMSKFLMEISNEKLEIIYLNSAGVKEV
HEENLIREKLKNRLTKSLTLDLKYLSTQVGPHREDFKILINGYDSRVYSSQGQKRTAALCLKLSELEILEEETGEKPVLL
LDDVMSELDDNRKKYILKKLEGFQSFITHTSKSDVEGDCCFKIYDGIVDKLA
;
_entity_poly.pdbx_strand_id   A,B
#
# COMPACT_ATOMS: atom_id res chain seq x y z
N HIS A 1 -10.26 -16.82 -32.05
CA HIS A 1 -10.78 -17.70 -33.09
C HIS A 1 -9.94 -18.97 -33.21
N HIS A 2 -10.60 -20.11 -33.04
CA HIS A 2 -9.93 -21.40 -33.19
C HIS A 2 -10.72 -22.32 -34.11
N HIS A 3 -10.06 -23.37 -34.59
CA HIS A 3 -10.64 -24.27 -35.57
C HIS A 3 -11.58 -25.29 -34.91
N SER A 4 -11.51 -25.41 -33.60
CA SER A 4 -12.28 -26.40 -32.86
C SER A 4 -12.44 -25.92 -31.46
N GLN A 5 -13.06 -26.75 -30.62
CA GLN A 5 -13.08 -26.47 -29.18
C GLN A 5 -12.46 -27.66 -28.43
N ASP A 6 -11.56 -28.39 -29.10
CA ASP A 6 -10.86 -29.47 -28.44
C ASP A 6 -10.06 -28.88 -27.29
N PRO A 7 -10.25 -29.42 -26.09
CA PRO A 7 -9.47 -28.94 -24.93
C PRO A 7 -7.97 -29.25 -25.07
N MET A 8 -7.16 -28.53 -24.31
CA MET A 8 -5.78 -28.90 -24.12
C MET A 8 -5.74 -30.30 -23.55
N TYR A 9 -4.79 -31.09 -24.01
CA TYR A 9 -4.72 -32.51 -23.69
C TYR A 9 -3.27 -32.99 -23.89
N LEU A 10 -2.72 -33.60 -22.86
CA LEU A 10 -1.37 -34.15 -22.92
C LEU A 10 -1.47 -35.61 -23.21
N LYS A 11 -1.11 -36.02 -24.42
CA LYS A 11 -1.27 -37.41 -24.81
C LYS A 11 -0.27 -38.25 -24.08
N GLU A 12 0.94 -37.73 -23.95
CA GLU A 12 2.02 -38.49 -23.39
C GLU A 12 3.14 -37.54 -23.00
N ILE A 13 4.02 -38.02 -22.14
CA ILE A 13 5.23 -37.27 -21.84
C ILE A 13 6.38 -38.26 -21.75
N PHE A 14 7.55 -37.80 -22.14
CA PHE A 14 8.76 -38.62 -22.04
C PHE A 14 9.74 -37.87 -21.14
N VAL A 15 10.23 -38.52 -20.08
CA VAL A 15 11.18 -37.88 -19.18
C VAL A 15 12.51 -38.62 -19.13
N ASP A 16 13.60 -37.87 -19.28
CA ASP A 16 14.94 -38.45 -19.34
C ASP A 16 15.86 -37.67 -18.38
N ASN A 17 16.39 -38.35 -17.36
CA ASN A 17 17.21 -37.71 -16.32
C ASN A 17 16.50 -36.55 -15.64
N PHE A 18 15.18 -36.62 -15.54
CA PHE A 18 14.47 -35.55 -14.87
C PHE A 18 14.28 -35.90 -13.40
N ARG A 19 14.89 -35.11 -12.51
CA ARG A 19 14.82 -35.36 -11.07
C ARG A 19 15.15 -36.84 -10.74
N ASN A 20 14.32 -37.50 -9.95
CA ASN A 20 14.48 -38.90 -9.60
C ASN A 20 13.69 -39.79 -10.56
N LEU A 21 13.03 -39.23 -11.58
CA LEU A 21 12.19 -40.07 -12.45
C LEU A 21 13.05 -40.95 -13.36
N LYS A 22 12.71 -42.22 -13.51
CA LYS A 22 13.42 -43.05 -14.43
C LYS A 22 13.07 -42.66 -15.87
N LYS A 23 13.92 -43.10 -16.81
CA LYS A 23 13.77 -42.78 -18.23
C LYS A 23 12.57 -43.51 -18.78
N GLN A 24 11.48 -42.79 -19.02
CA GLN A 24 10.25 -43.49 -19.39
C GLN A 24 9.29 -42.63 -20.18
N LYS A 25 8.42 -43.28 -20.95
CA LYS A 25 7.36 -42.63 -21.68
C LYS A 25 6.05 -43.00 -21.01
N LEU A 26 5.24 -41.99 -20.74
CA LEU A 26 3.99 -42.20 -20.03
C LEU A 26 2.85 -41.75 -20.93
N GLU A 27 1.85 -42.60 -21.11
CA GLU A 27 0.71 -42.27 -21.95
C GLU A 27 -0.49 -42.05 -21.08
N PHE A 28 -1.15 -40.91 -21.26
CA PHE A 28 -2.18 -40.52 -20.30
C PHE A 28 -3.59 -40.70 -20.85
N CYS A 29 -4.60 -40.38 -20.03
CA CYS A 29 -5.98 -40.67 -20.38
C CYS A 29 -6.81 -39.39 -20.37
N GLU A 30 -7.98 -39.47 -21.00
CA GLU A 30 -9.00 -38.44 -20.85
C GLU A 30 -9.50 -38.45 -19.42
N GLY A 31 -9.75 -37.27 -18.88
CA GLY A 31 -10.33 -37.15 -17.56
C GLY A 31 -9.26 -37.14 -16.49
N VAL A 32 -9.51 -37.84 -15.39
CA VAL A 32 -8.62 -37.81 -14.23
C VAL A 32 -7.48 -38.83 -14.36
N ASN A 33 -6.25 -38.32 -14.36
CA ASN A 33 -5.08 -39.19 -14.29
C ASN A 33 -4.59 -39.17 -12.85
N LEU A 34 -4.85 -40.25 -12.11
CA LEU A 34 -4.47 -40.34 -10.71
C LEU A 34 -3.02 -40.78 -10.60
N ILE A 35 -2.19 -39.95 -9.97
CA ILE A 35 -0.81 -40.35 -9.71
C ILE A 35 -0.60 -40.48 -8.21
N TYR A 36 -0.42 -41.70 -7.73
CA TYR A 36 -0.34 -41.91 -6.30
C TYR A 36 0.91 -42.71 -5.90
N GLY A 37 1.30 -42.56 -4.64
CA GLY A 37 2.46 -43.26 -4.13
C GLY A 37 2.83 -42.66 -2.80
N LEU A 38 3.71 -43.36 -2.07
CA LEU A 38 4.28 -42.84 -0.84
C LEU A 38 4.90 -41.47 -1.08
N ASN A 39 5.07 -40.72 0.00
CA ASN A 39 5.77 -39.45 -0.06
C ASN A 39 7.16 -39.64 -0.65
N ALA A 40 7.67 -38.60 -1.29
CA ALA A 40 9.04 -38.56 -1.81
C ALA A 40 9.34 -39.61 -2.89
N GLN A 41 8.34 -40.05 -3.65
CA GLN A 41 8.60 -41.07 -4.66
C GLN A 41 8.74 -40.53 -6.09
N GLY A 42 8.31 -39.28 -6.31
CA GLY A 42 8.33 -38.67 -7.64
C GLY A 42 7.03 -38.07 -8.17
N LYS A 43 5.98 -38.04 -7.34
CA LYS A 43 4.70 -37.47 -7.73
C LYS A 43 4.82 -36.01 -8.15
N SER A 44 5.44 -35.19 -7.32
CA SER A 44 5.48 -33.77 -7.62
C SER A 44 6.49 -33.49 -8.73
N ASN A 45 7.55 -34.30 -8.77
CA ASN A 45 8.50 -34.20 -9.87
C ASN A 45 7.81 -34.38 -11.24
N LEU A 46 6.86 -35.30 -11.32
CA LEU A 46 6.19 -35.55 -12.61
C LEU A 46 5.31 -34.35 -12.98
N LEU A 47 4.59 -33.82 -12.01
CA LEU A 47 3.81 -32.59 -12.23
C LEU A 47 4.73 -31.43 -12.63
N GLU A 48 5.89 -31.36 -11.99
CA GLU A 48 6.86 -30.33 -12.33
C GLU A 48 7.32 -30.50 -13.79
N ALA A 49 7.49 -31.74 -14.22
CA ALA A 49 7.87 -32.00 -15.62
C ALA A 49 6.74 -31.58 -16.57
N ILE A 50 5.50 -31.88 -16.20
CA ILE A 50 4.37 -31.48 -17.04
C ILE A 50 4.22 -29.95 -17.09
N ARG A 51 4.30 -29.30 -15.94
CA ARG A 51 4.17 -27.84 -15.87
C ARG A 51 5.31 -27.11 -16.58
N LEU A 52 6.48 -27.75 -16.64
CA LEU A 52 7.62 -27.22 -17.39
C LEU A 52 7.29 -26.93 -18.86
N LEU A 53 6.50 -27.83 -19.46
CA LEU A 53 6.07 -27.71 -20.86
C LEU A 53 5.19 -26.47 -21.08
N SER A 54 4.56 -25.97 -20.01
CA SER A 54 3.74 -24.75 -20.10
C SER A 54 4.55 -23.48 -19.86
N MET A 55 5.41 -23.52 -18.85
CA MET A 55 6.06 -22.30 -18.37
C MET A 55 7.57 -22.20 -18.65
N GLY A 56 8.19 -23.32 -18.98
CA GLY A 56 9.63 -23.29 -19.18
C GLY A 56 10.43 -23.11 -17.89
N ARG A 57 9.81 -23.42 -16.75
CA ARG A 57 10.50 -23.33 -15.47
C ARG A 57 9.82 -24.24 -14.45
N SER A 58 10.48 -24.41 -13.30
CA SER A 58 9.93 -25.16 -12.17
C SER A 58 8.84 -24.35 -11.47
N PHE A 59 7.67 -24.94 -11.24
CA PHE A 59 6.63 -24.26 -10.47
C PHE A 59 7.03 -24.13 -9.00
N ARG A 60 8.04 -24.87 -8.59
CA ARG A 60 8.50 -24.79 -7.20
C ARG A 60 9.53 -23.68 -7.01
N GLY A 61 9.92 -23.04 -8.11
CA GLY A 61 10.92 -21.99 -8.06
C GLY A 61 12.35 -22.50 -8.06
N SER A 62 12.54 -23.79 -8.34
CA SER A 62 13.89 -24.38 -8.35
C SER A 62 14.72 -23.93 -9.53
N LYS A 63 16.03 -23.83 -9.35
CA LYS A 63 16.93 -23.59 -10.48
C LYS A 63 16.89 -24.79 -11.39
N MET A 64 17.08 -24.54 -12.69
CA MET A 64 17.19 -25.58 -13.71
C MET A 64 18.14 -26.71 -13.34
N SER A 65 19.33 -26.36 -12.86
CA SER A 65 20.34 -27.38 -12.53
C SER A 65 19.83 -28.35 -11.45
N GLU A 66 18.85 -27.92 -10.66
CA GLU A 66 18.30 -28.83 -9.65
C GLU A 66 17.38 -29.89 -10.23
N LEU A 67 16.88 -29.67 -11.44
CA LEU A 67 16.01 -30.67 -12.06
C LEU A 67 16.79 -31.79 -12.74
N VAL A 68 18.08 -31.57 -12.94
CA VAL A 68 18.89 -32.62 -13.55
C VAL A 68 19.09 -33.76 -12.55
N LYS A 69 18.86 -35.00 -12.99
CA LYS A 69 19.14 -36.17 -12.18
C LYS A 69 20.56 -36.09 -11.65
N PHE A 70 20.72 -36.36 -10.34
CA PHE A 70 22.01 -36.33 -9.66
CA PHE A 70 22.01 -36.33 -9.66
CA PHE A 70 22.02 -36.29 -9.67
C PHE A 70 23.10 -37.02 -10.47
N ASP A 71 24.18 -36.29 -10.73
CA ASP A 71 25.37 -36.77 -11.45
C ASP A 71 25.20 -36.93 -12.96
N GLU A 72 24.10 -36.44 -13.51
CA GLU A 72 23.95 -36.50 -14.97
C GLU A 72 24.31 -35.14 -15.53
N GLU A 73 24.39 -35.02 -16.85
CA GLU A 73 24.79 -33.73 -17.43
C GLU A 73 23.64 -32.92 -18.05
N TYR A 74 22.47 -33.55 -18.21
CA TYR A 74 21.30 -32.90 -18.81
C TYR A 74 20.01 -33.53 -18.33
N PHE A 75 18.91 -32.83 -18.53
CA PHE A 75 17.62 -33.51 -18.55
C PHE A 75 16.89 -33.18 -19.84
N TYR A 76 15.87 -33.97 -20.13
CA TYR A 76 15.13 -33.80 -21.35
C TYR A 76 13.69 -34.20 -21.12
N VAL A 77 12.77 -33.33 -21.53
CA VAL A 77 11.35 -33.63 -21.42
C VAL A 77 10.69 -33.40 -22.77
N ARG A 78 9.86 -34.36 -23.19
CA ARG A 78 9.10 -34.22 -24.44
CA ARG A 78 9.13 -34.28 -24.47
C ARG A 78 7.64 -34.56 -24.22
N GLY A 79 6.78 -33.62 -24.57
CA GLY A 79 5.34 -33.82 -24.46
C GLY A 79 4.70 -33.78 -25.83
N LEU A 80 3.67 -34.58 -26.03
CA LEU A 80 2.84 -34.49 -27.22
C LEU A 80 1.48 -33.99 -26.75
N VAL A 81 1.05 -32.86 -27.28
CA VAL A 81 -0.18 -32.27 -26.77
C VAL A 81 -1.18 -32.06 -27.90
N ARG A 82 -2.45 -32.08 -27.55
CA ARG A 82 -3.50 -31.70 -28.48
CA ARG A 82 -3.50 -31.72 -28.47
C ARG A 82 -4.09 -30.40 -27.97
N SER A 83 -4.49 -29.51 -28.87
CA SER A 83 -5.14 -28.28 -28.41
C SER A 83 -6.16 -27.88 -29.47
N ALA A 84 -6.85 -26.76 -29.29
CA ALA A 84 -7.96 -26.44 -30.20
C ALA A 84 -7.57 -26.39 -31.69
N ASP A 85 -6.33 -26.01 -31.99
CA ASP A 85 -5.90 -25.87 -33.38
C ASP A 85 -4.90 -26.92 -33.78
N PHE A 86 -4.52 -27.81 -32.87
CA PHE A 86 -3.50 -28.80 -33.20
C PHE A 86 -3.93 -30.18 -32.82
N TYR A 87 -4.11 -31.07 -33.81
CA TYR A 87 -4.27 -32.50 -33.51
C TYR A 87 -3.05 -32.98 -32.73
N GLU A 88 -1.87 -32.47 -33.07
CA GLU A 88 -0.69 -32.83 -32.28
C GLU A 88 0.38 -31.74 -32.34
N LYS A 89 0.92 -31.37 -31.18
CA LYS A 89 2.03 -30.43 -31.14
C LYS A 89 3.11 -31.03 -30.24
N LYS A 90 4.31 -31.13 -30.78
CA LYS A 90 5.45 -31.67 -30.02
C LYS A 90 6.16 -30.56 -29.29
N ILE A 91 6.32 -30.71 -27.99
CA ILE A 91 7.03 -29.71 -27.22
C ILE A 91 8.19 -30.36 -26.51
N GLU A 92 9.39 -29.89 -26.84
CA GLU A 92 10.62 -30.43 -26.26
C GLU A 92 11.41 -29.43 -25.45
N PHE A 93 11.92 -29.88 -24.32
CA PHE A 93 12.70 -29.01 -23.43
C PHE A 93 13.92 -29.79 -22.95
N GLY A 94 15.10 -29.41 -23.43
CA GLY A 94 16.33 -30.05 -23.02
C GLY A 94 17.21 -29.02 -22.29
N TYR A 95 17.77 -29.41 -21.15
CA TYR A 95 18.70 -28.51 -20.44
C TYR A 95 20.00 -29.23 -20.08
N LYS A 96 21.14 -28.63 -20.38
CA LYS A 96 22.47 -29.18 -20.01
C LYS A 96 23.09 -28.39 -18.85
N VAL A 97 23.82 -29.07 -17.96
CA VAL A 97 24.37 -28.40 -16.75
C VAL A 97 25.31 -27.24 -17.09
N ASN A 98 25.88 -27.23 -18.28
CA ASN A 98 26.70 -26.06 -18.70
C ASN A 98 25.86 -24.84 -19.05
N GLY A 99 24.53 -24.93 -18.91
CA GLY A 99 23.66 -23.79 -19.13
C GLY A 99 22.86 -23.83 -20.42
N ASN A 100 23.32 -24.62 -21.38
CA ASN A 100 22.63 -24.73 -22.67
C ASN A 100 21.21 -25.29 -22.55
N LYS A 101 20.20 -24.49 -22.87
CA LYS A 101 18.87 -25.07 -22.98
C LYS A 101 18.37 -25.01 -24.42
N VAL A 102 17.64 -26.06 -24.81
CA VAL A 102 17.09 -26.16 -26.16
C VAL A 102 15.61 -26.44 -26.03
N ILE A 103 14.79 -25.48 -26.47
CA ILE A 103 13.33 -25.62 -26.46
C ILE A 103 12.82 -25.68 -27.89
N LYS A 104 12.06 -26.71 -28.20
CA LYS A 104 11.53 -26.83 -29.56
C LYS A 104 10.02 -27.04 -29.59
N VAL A 105 9.33 -26.35 -30.51
CA VAL A 105 7.93 -26.64 -30.79
C VAL A 105 7.78 -27.16 -32.21
N ASN A 106 7.25 -28.37 -32.33
CA ASN A 106 7.18 -29.07 -33.59
C ASN A 106 8.52 -29.07 -34.30
N GLY A 107 9.59 -29.29 -33.54
CA GLY A 107 10.91 -29.41 -34.17
C GLY A 107 11.57 -28.07 -34.46
N ASN A 108 10.89 -26.95 -34.22
CA ASN A 108 11.54 -25.65 -34.41
C ASN A 108 12.06 -25.11 -33.09
N LYS A 109 13.35 -24.80 -33.07
CA LYS A 109 13.98 -24.29 -31.86
C LYS A 109 13.46 -22.89 -31.56
N LEU A 110 13.04 -22.69 -30.33
CA LEU A 110 12.60 -21.36 -29.90
C LEU A 110 13.84 -20.50 -29.64
N LYS A 111 13.75 -19.22 -29.99
CA LYS A 111 14.84 -18.26 -29.74
C LYS A 111 14.95 -17.88 -28.27
N SER A 112 13.84 -17.84 -27.54
CA SER A 112 13.91 -17.57 -26.10
C SER A 112 12.96 -18.48 -25.35
N THR A 113 13.18 -18.56 -24.04
CA THR A 113 12.41 -19.45 -23.20
C THR A 113 10.96 -18.98 -23.13
N GLY A 114 10.75 -17.66 -23.08
CA GLY A 114 9.42 -17.09 -22.94
C GLY A 114 8.51 -17.41 -24.11
N GLU A 115 9.08 -17.82 -25.24
CA GLU A 115 8.28 -18.13 -26.40
C GLU A 115 7.56 -19.47 -26.24
N ILE A 116 7.87 -20.20 -25.17
CA ILE A 116 7.14 -21.42 -24.87
C ILE A 116 5.68 -21.17 -24.38
N LEU A 117 5.39 -20.01 -23.79
CA LEU A 117 4.00 -19.72 -23.35
C LEU A 117 3.03 -19.53 -24.54
N GLY A 118 1.73 -19.86 -24.48
CA GLY A 118 1.11 -21.01 -23.89
C GLY A 118 0.75 -21.89 -25.11
N HIS A 119 1.78 -22.56 -25.61
CA HIS A 119 1.59 -23.63 -26.57
C HIS A 119 0.81 -24.75 -25.89
N PHE A 120 1.07 -24.90 -24.60
CA PHE A 120 0.40 -25.91 -23.76
C PHE A 120 -0.07 -25.22 -22.48
N LEU A 121 -1.39 -25.10 -22.30
CA LEU A 121 -1.91 -24.38 -21.11
C LEU A 121 -2.27 -25.32 -19.98
N THR A 122 -1.74 -25.01 -18.80
CA THR A 122 -2.06 -25.72 -17.58
C THR A 122 -2.42 -24.70 -16.49
N VAL A 123 -3.16 -25.14 -15.48
CA VAL A 123 -3.26 -24.41 -14.22
CA VAL A 123 -3.23 -24.40 -14.23
C VAL A 123 -2.91 -25.40 -13.13
N ILE A 124 -2.00 -25.01 -12.24
CA ILE A 124 -1.55 -25.94 -11.21
C ILE A 124 -2.02 -25.43 -9.86
N PHE A 125 -2.66 -26.33 -9.10
CA PHE A 125 -3.18 -26.04 -7.78
C PHE A 125 -2.27 -26.78 -6.83
N SER A 126 -1.75 -26.07 -5.83
CA SER A 126 -0.75 -26.60 -4.92
C SER A 126 -0.97 -25.99 -3.53
N PRO A 127 -0.58 -26.71 -2.46
CA PRO A 127 -0.76 -26.16 -1.10
C PRO A 127 -0.04 -24.82 -0.93
N GLU A 128 1.12 -24.66 -1.57
CA GLU A 128 1.88 -23.43 -1.49
C GLU A 128 1.18 -22.20 -2.07
N ASP A 129 0.00 -22.39 -2.65
CA ASP A 129 -0.72 -21.25 -3.20
C ASP A 129 -1.12 -20.29 -2.07
N ILE A 130 -1.30 -20.81 -0.86
CA ILE A 130 -1.63 -19.98 0.30
C ILE A 130 -0.53 -18.94 0.58
N GLU A 131 0.68 -19.20 0.09
CA GLU A 131 1.78 -18.25 0.21
C GLU A 131 1.52 -16.94 -0.55
N ILE A 132 0.74 -17.01 -1.62
CA ILE A 132 0.37 -15.82 -2.36
C ILE A 132 -0.49 -14.91 -1.47
N ILE A 133 -1.16 -15.50 -0.49
CA ILE A 133 -1.97 -14.72 0.42
C ILE A 133 -1.10 -14.19 1.57
N LYS A 134 -0.10 -14.97 1.96
CA LYS A 134 0.63 -14.76 3.21
C LYS A 134 1.96 -14.02 3.08
N GLU A 135 2.63 -14.16 1.95
CA GLU A 135 3.99 -13.68 1.86
C GLU A 135 4.00 -12.27 1.31
N GLY A 136 5.17 -11.80 0.90
CA GLY A 136 5.35 -10.40 0.54
C GLY A 136 4.90 -10.03 -0.87
N PRO A 137 5.08 -8.74 -1.23
CA PRO A 137 4.75 -8.18 -2.55
C PRO A 137 5.36 -9.01 -3.70
N SER A 138 6.59 -9.46 -3.47
CA SER A 138 7.37 -10.22 -4.43
C SER A 138 6.60 -11.44 -4.94
N ARG A 139 6.00 -12.18 -4.01
CA ARG A 139 5.26 -13.39 -4.31
C ARG A 139 4.04 -13.08 -5.17
N ARG A 140 3.31 -12.04 -4.78
CA ARG A 140 2.08 -11.66 -5.44
C ARG A 140 2.41 -11.10 -6.84
N ARG A 141 3.49 -10.34 -6.90
CA ARG A 141 3.94 -9.77 -8.14
C ARG A 141 4.40 -10.84 -9.15
N LYS A 142 5.19 -11.80 -8.69
CA LYS A 142 5.65 -12.86 -9.58
C LYS A 142 4.44 -13.65 -10.13
N TYR A 143 3.44 -13.85 -9.27
CA TYR A 143 2.23 -14.59 -9.63
C TYR A 143 1.41 -13.86 -10.67
N LEU A 144 1.20 -12.58 -10.43
CA LEU A 144 0.48 -11.71 -11.35
C LEU A 144 1.16 -11.61 -12.72
N ASP A 145 2.48 -11.45 -12.75
CA ASP A 145 3.24 -11.36 -13.99
C ASP A 145 3.10 -12.65 -14.83
N ALA A 146 3.11 -13.78 -14.15
CA ALA A 146 3.01 -15.08 -14.82
C ALA A 146 1.61 -15.34 -15.34
N CYS A 147 0.59 -15.02 -14.54
CA CYS A 147 -0.78 -15.15 -15.00
C CYS A 147 -1.02 -14.35 -16.27
N ILE A 148 -0.57 -13.10 -16.24
CA ILE A 148 -0.83 -12.23 -17.39
C ILE A 148 -0.03 -12.62 -18.63
N SER A 149 1.28 -12.86 -18.45
CA SER A 149 2.17 -13.22 -19.51
C SER A 149 1.70 -14.46 -20.28
N VAL A 150 1.13 -15.42 -19.56
CA VAL A 150 0.63 -16.63 -20.21
C VAL A 150 -0.45 -16.28 -21.22
N ILE A 151 -1.30 -15.29 -20.89
CA ILE A 151 -2.39 -15.04 -21.80
C ILE A 151 -2.15 -13.84 -22.69
N ASP A 152 -1.11 -13.06 -22.43
CA ASP A 152 -0.94 -11.79 -23.15
C ASP A 152 0.53 -11.57 -23.53
N LYS A 153 0.82 -11.85 -24.79
CA LYS A 153 2.18 -11.79 -25.32
C LYS A 153 2.75 -10.36 -25.35
N ASN A 154 1.89 -9.37 -25.55
CA ASN A 154 2.37 -7.99 -25.60
C ASN A 154 2.80 -7.50 -24.23
N TYR A 155 2.11 -7.97 -23.20
CA TYR A 155 2.48 -7.63 -21.83
C TYR A 155 3.81 -8.28 -21.49
N PHE A 156 3.92 -9.56 -21.86
CA PHE A 156 5.14 -10.29 -21.58
C PHE A 156 6.32 -9.59 -22.25
N PHE A 157 6.12 -9.18 -23.51
CA PHE A 157 7.07 -8.34 -24.24
C PHE A 157 7.47 -7.07 -23.44
N ASP A 158 6.47 -6.31 -23.00
CA ASP A 158 6.69 -5.13 -22.20
C ASP A 158 7.48 -5.41 -20.94
N LEU A 159 7.11 -6.48 -20.24
CA LEU A 159 7.75 -6.85 -18.98
C LEU A 159 9.22 -7.16 -19.21
N LEU A 160 9.49 -7.90 -20.29
CA LEU A 160 10.86 -8.26 -20.67
C LEU A 160 11.69 -7.01 -20.99
N GLN A 161 11.13 -6.12 -21.79
CA GLN A 161 11.86 -4.90 -22.12
C GLN A 161 11.99 -3.99 -20.87
N TYR A 162 10.96 -3.94 -20.05
CA TYR A 162 11.05 -3.16 -18.81
C TYR A 162 12.22 -3.66 -17.95
N ASN A 163 12.31 -4.97 -17.77
CA ASN A 163 13.34 -5.52 -16.89
C ASN A 163 14.73 -5.26 -17.46
N LYS A 164 14.80 -5.23 -18.79
CA LYS A 164 16.07 -4.97 -19.49
C LYS A 164 16.51 -3.54 -19.26
N THR A 165 15.59 -2.61 -19.45
CA THR A 165 15.86 -1.19 -19.21
C THR A 165 16.16 -0.91 -17.74
N LEU A 166 15.43 -1.57 -16.85
CA LEU A 166 15.69 -1.45 -15.43
C LEU A 166 17.12 -1.90 -15.10
N SER A 167 17.51 -3.04 -15.65
CA SER A 167 18.86 -3.57 -15.41
C SER A 167 19.91 -2.59 -15.91
N ASN A 168 19.69 -2.01 -17.09
CA ASN A 168 20.59 -1.00 -17.62
C ASN A 168 20.66 0.22 -16.71
N ARG A 169 19.50 0.66 -16.21
CA ARG A 169 19.49 1.82 -15.35
C ARG A 169 20.29 1.53 -14.09
N ASN A 170 20.09 0.35 -13.50
CA ASN A 170 20.76 0.02 -12.26
C ASN A 170 22.28 -0.08 -12.37
N SER A 171 22.76 -0.59 -13.50
CA SER A 171 24.19 -0.67 -13.69
C SER A 171 24.73 0.73 -13.98
N LEU A 172 23.92 1.54 -14.65
CA LEU A 172 24.29 2.95 -14.86
C LEU A 172 24.45 3.65 -13.52
N LEU A 173 23.59 3.32 -12.56
CA LEU A 173 23.66 3.94 -11.22
C LEU A 173 25.03 3.63 -10.60
N LYS A 174 25.45 2.37 -10.66
CA LYS A 174 26.79 1.95 -10.23
C LYS A 174 27.88 2.79 -10.87
N LYS A 175 27.77 2.95 -12.19
CA LYS A 175 28.76 3.71 -12.96
C LYS A 175 28.78 5.19 -12.58
N ILE A 176 27.62 5.74 -12.26
CA ILE A 176 27.52 7.12 -11.78
C ILE A 176 28.12 7.25 -10.38
N LYS A 177 27.84 6.27 -9.52
CA LYS A 177 28.37 6.24 -8.16
C LYS A 177 29.88 6.00 -8.14
N GLU A 178 30.33 5.05 -8.96
CA GLU A 178 31.75 4.68 -9.00
C GLU A 178 32.62 5.79 -9.56
N GLU A 179 31.97 6.79 -10.15
CA GLU A 179 32.66 8.00 -10.57
C GLU A 179 31.91 9.22 -10.04
N GLY A 180 32.21 10.39 -10.62
CA GLY A 180 31.38 11.57 -10.42
C GLY A 180 30.73 11.84 -11.76
N LYS A 181 31.07 10.98 -12.72
CA LYS A 181 30.92 11.18 -14.15
C LYS A 181 29.65 10.67 -14.86
N GLY A 182 28.58 10.49 -14.09
CA GLY A 182 27.24 10.27 -14.60
C GLY A 182 25.74 10.37 -14.39
N GLU A 183 25.35 11.14 -13.37
CA GLU A 183 23.93 11.34 -13.09
C GLU A 183 23.10 11.61 -14.34
N ASP A 184 23.73 12.24 -15.32
CA ASP A 184 23.01 12.78 -16.46
C ASP A 184 22.26 11.83 -17.42
N LEU A 185 22.93 10.73 -17.71
CA LEU A 185 22.43 9.85 -18.72
C LEU A 185 21.15 9.18 -18.31
N LEU A 186 20.76 9.32 -17.03
CA LEU A 186 19.57 8.68 -16.45
C LEU A 186 18.24 9.12 -17.02
N GLU A 187 18.16 10.34 -17.55
CA GLU A 187 16.91 10.88 -18.04
C GLU A 187 16.30 9.98 -19.09
N ILE A 188 17.12 9.55 -20.04
CA ILE A 188 16.62 8.86 -21.21
C ILE A 188 16.09 7.49 -20.80
N PHE A 189 16.80 6.82 -19.91
CA PHE A 189 16.31 5.58 -19.32
C PHE A 189 15.06 5.78 -18.50
N ASP A 190 14.98 6.92 -17.80
CA ASP A 190 13.83 7.26 -16.99
C ASP A 190 12.57 7.33 -17.86
N GLU A 191 12.70 8.03 -18.98
CA GLU A 191 11.61 8.21 -19.92
C GLU A 191 11.10 6.84 -20.38
N LYS A 192 12.04 5.95 -20.68
CA LYS A 192 11.70 4.63 -21.21
C LYS A 192 10.99 3.79 -20.15
N LEU A 193 11.51 3.83 -18.92
CA LEU A 193 10.90 3.07 -17.82
C LEU A 193 9.49 3.53 -17.53
N ALA A 194 9.23 4.82 -17.73
CA ALA A 194 7.91 5.36 -17.43
C ALA A 194 6.91 4.94 -18.50
N GLU A 195 7.36 4.96 -19.75
CA GLU A 195 6.51 4.50 -20.84
C GLU A 195 6.15 3.03 -20.67
N TYR A 196 7.15 2.18 -20.43
CA TYR A 196 6.88 0.76 -20.31
C TYR A 196 6.17 0.46 -18.99
N GLY A 197 6.56 1.17 -17.94
CA GLY A 197 5.90 1.03 -16.65
C GLY A 197 4.41 1.36 -16.72
N ALA A 198 4.07 2.38 -17.48
CA ALA A 198 2.67 2.78 -17.60
C ALA A 198 1.85 1.70 -18.34
N ARG A 199 2.39 1.17 -19.43
CA ARG A 199 1.69 0.09 -20.13
C ARG A 199 1.46 -1.11 -19.22
N ILE A 200 2.44 -1.42 -18.39
CA ILE A 200 2.36 -2.57 -17.49
C ILE A 200 1.32 -2.33 -16.39
N ILE A 201 1.34 -1.13 -15.81
CA ILE A 201 0.33 -0.80 -14.79
C ILE A 201 -1.06 -0.92 -15.39
N LYS A 202 -1.24 -0.40 -16.59
CA LYS A 202 -2.55 -0.44 -17.24
C LYS A 202 -3.06 -1.88 -17.39
N VAL A 203 -2.20 -2.77 -17.85
CA VAL A 203 -2.62 -4.15 -18.05
C VAL A 203 -2.81 -4.87 -16.72
N ARG A 204 -1.93 -4.62 -15.76
CA ARG A 204 -2.09 -5.22 -14.44
C ARG A 204 -3.43 -4.83 -13.84
N ASN A 205 -3.83 -3.58 -14.03
CA ASN A 205 -5.13 -3.10 -13.55
C ASN A 205 -6.27 -3.83 -14.23
N ASN A 206 -6.20 -3.95 -15.55
CA ASN A 206 -7.21 -4.71 -16.29
CA ASN A 206 -7.22 -4.71 -16.29
C ASN A 206 -7.39 -6.12 -15.72
N TYR A 207 -6.28 -6.77 -15.41
CA TYR A 207 -6.34 -8.15 -14.93
C TYR A 207 -6.89 -8.18 -13.49
N LEU A 208 -6.42 -7.26 -12.67
CA LEU A 208 -6.86 -7.22 -11.27
C LEU A 208 -8.38 -6.92 -11.18
N GLU A 209 -8.88 -6.05 -12.06
CA GLU A 209 -10.32 -5.84 -12.24
C GLU A 209 -11.02 -7.15 -12.47
N LYS A 210 -10.58 -7.90 -13.48
CA LYS A 210 -11.17 -9.21 -13.77
C LYS A 210 -10.99 -10.16 -12.61
N LEU A 211 -9.80 -10.12 -11.98
CA LEU A 211 -9.52 -10.99 -10.85
C LEU A 211 -10.53 -10.73 -9.72
N LYS A 212 -10.75 -9.46 -9.40
CA LYS A 212 -11.68 -9.14 -8.31
C LYS A 212 -13.11 -9.62 -8.62
N ASN A 213 -13.62 -9.32 -9.82
CA ASN A 213 -14.94 -9.81 -10.25
C ASN A 213 -15.11 -11.32 -10.09
N SER A 214 -14.17 -12.07 -10.65
CA SER A 214 -14.27 -13.53 -10.62
CA SER A 214 -14.24 -13.53 -10.63
C SER A 214 -14.10 -14.07 -9.21
N MET A 215 -13.17 -13.51 -8.46
CA MET A 215 -12.95 -13.98 -7.10
C MET A 215 -14.13 -13.67 -6.18
N SER A 216 -14.77 -12.52 -6.40
CA SER A 216 -15.94 -12.14 -5.60
C SER A 216 -17.07 -13.12 -5.82
N LYS A 217 -17.19 -13.59 -7.06
CA LYS A 217 -18.18 -14.58 -7.40
C LYS A 217 -17.88 -15.88 -6.65
N PHE A 218 -16.65 -16.38 -6.74
CA PHE A 218 -16.31 -17.65 -6.10
C PHE A 218 -16.38 -17.58 -4.58
N LEU A 219 -15.84 -16.51 -4.01
CA LEU A 219 -15.84 -16.31 -2.56
C LEU A 219 -17.26 -16.26 -1.99
N MET A 220 -18.15 -15.53 -2.67
CA MET A 220 -19.51 -15.35 -2.18
C MET A 220 -20.28 -16.66 -2.22
N GLU A 221 -19.78 -17.62 -3.00
CA GLU A 221 -20.47 -18.90 -3.16
C GLU A 221 -20.11 -19.92 -2.09
N ILE A 222 -18.87 -19.92 -1.62
CA ILE A 222 -18.43 -20.95 -0.68
C ILE A 222 -18.16 -20.47 0.74
N SER A 223 -18.17 -19.15 0.94
N SER A 223 -18.17 -19.16 0.95
CA SER A 223 -17.90 -18.57 2.25
CA SER A 223 -17.96 -18.61 2.29
C SER A 223 -18.86 -17.44 2.57
C SER A 223 -18.89 -17.45 2.58
N ASN A 224 -19.60 -16.99 1.55
CA ASN A 224 -20.52 -15.86 1.68
C ASN A 224 -19.85 -14.59 2.22
N GLU A 225 -18.57 -14.43 1.92
CA GLU A 225 -17.81 -13.24 2.32
C GLU A 225 -17.54 -12.32 1.14
N LYS A 226 -17.22 -11.07 1.44
CA LYS A 226 -17.11 -10.04 0.41
C LYS A 226 -15.64 -9.74 0.07
N LEU A 227 -15.28 -9.82 -1.21
CA LEU A 227 -13.89 -9.63 -1.65
C LEU A 227 -13.66 -8.23 -2.19
N GLU A 228 -12.57 -7.63 -1.76
CA GLU A 228 -12.06 -6.45 -2.44
C GLU A 228 -10.56 -6.63 -2.77
N ILE A 229 -10.12 -6.00 -3.87
CA ILE A 229 -8.72 -6.02 -4.25
C ILE A 229 -8.22 -4.60 -4.45
N ILE A 230 -7.15 -4.26 -3.73
CA ILE A 230 -6.53 -2.94 -3.86
C ILE A 230 -5.17 -3.03 -4.55
N TYR A 231 -5.04 -2.34 -5.68
CA TYR A 231 -3.83 -2.34 -6.47
C TYR A 231 -2.95 -1.17 -6.06
N LEU A 232 -1.89 -1.47 -5.33
CA LEU A 232 -0.91 -0.46 -4.91
C LEU A 232 0.11 -0.21 -6.01
N ASN A 233 -0.29 0.50 -7.05
CA ASN A 233 0.62 0.75 -8.16
C ASN A 233 1.63 1.88 -7.86
N SER A 234 2.67 1.93 -8.67
CA SER A 234 3.82 2.79 -8.37
C SER A 234 3.61 4.22 -8.83
N ALA A 235 2.49 4.46 -9.51
CA ALA A 235 2.14 5.78 -9.99
C ALA A 235 1.32 6.52 -8.93
N GLY A 236 0.90 5.78 -7.89
CA GLY A 236 0.17 6.29 -6.76
C GLY A 236 -1.26 6.65 -7.18
N VAL A 237 -1.70 6.08 -8.30
CA VAL A 237 -2.99 6.47 -8.87
C VAL A 237 -4.09 5.49 -8.37
N LYS A 238 -5.09 6.01 -7.67
CA LYS A 238 -6.09 5.15 -7.01
C LYS A 238 -7.10 4.58 -8.00
N GLU A 239 -7.23 5.21 -9.16
CA GLU A 239 -8.07 4.76 -10.27
C GLU A 239 -7.37 4.96 -11.63
N VAL A 240 -6.84 3.89 -12.24
CA VAL A 240 -5.86 4.04 -13.33
C VAL A 240 -6.51 3.92 -14.73
N HIS A 241 -6.40 4.94 -15.58
CA HIS A 241 -6.84 4.77 -16.97
C HIS A 241 -6.08 5.61 -17.99
N GLU A 242 -6.00 6.92 -17.78
CA GLU A 242 -5.20 7.77 -18.66
CA GLU A 242 -5.19 7.79 -18.63
C GLU A 242 -3.75 7.33 -18.53
N GLU A 243 -3.24 6.74 -19.60
CA GLU A 243 -1.90 6.21 -19.61
C GLU A 243 -0.90 7.36 -19.63
N ASN A 244 -1.32 8.46 -20.25
CA ASN A 244 -0.54 9.69 -20.24
C ASN A 244 -0.19 10.15 -18.84
N LEU A 245 -1.20 10.22 -17.99
CA LEU A 245 -1.05 10.69 -16.61
C LEU A 245 -0.09 9.80 -15.83
N ILE A 246 -0.24 8.49 -15.99
CA ILE A 246 0.60 7.53 -15.27
C ILE A 246 2.05 7.65 -15.70
N ARG A 247 2.26 7.82 -17.00
CA ARG A 247 3.61 8.05 -17.51
C ARG A 247 4.27 9.24 -16.83
N GLU A 248 3.55 10.36 -16.78
CA GLU A 248 4.12 11.58 -16.19
C GLU A 248 4.43 11.40 -14.71
N LYS A 249 3.52 10.76 -13.98
CA LYS A 249 3.75 10.53 -12.56
C LYS A 249 4.98 9.65 -12.32
N LEU A 250 5.10 8.57 -13.10
CA LEU A 250 6.23 7.64 -12.98
C LEU A 250 7.53 8.36 -13.28
N LYS A 251 7.54 9.15 -14.34
CA LYS A 251 8.70 9.95 -14.71
C LYS A 251 9.04 10.99 -13.60
N ASN A 252 8.03 11.64 -13.03
CA ASN A 252 8.30 12.60 -11.95
C ASN A 252 8.92 11.91 -10.73
N ARG A 253 8.35 10.76 -10.39
CA ARG A 253 8.83 9.99 -9.28
C ARG A 253 10.26 9.48 -9.48
N LEU A 254 10.61 9.06 -10.70
CA LEU A 254 11.97 8.60 -11.00
C LEU A 254 12.97 9.73 -10.75
N THR A 255 12.62 10.91 -11.25
CA THR A 255 13.48 12.08 -11.11
C THR A 255 13.71 12.44 -9.64
N LYS A 256 12.65 12.42 -8.86
CA LYS A 256 12.74 12.73 -7.43
C LYS A 256 13.46 11.65 -6.62
N SER A 257 13.74 10.51 -7.26
CA SER A 257 14.27 9.36 -6.55
C SER A 257 15.79 9.25 -6.65
N LEU A 258 16.37 10.18 -7.41
CA LEU A 258 17.74 10.03 -7.87
C LEU A 258 18.76 9.84 -6.73
N THR A 259 18.67 10.68 -5.71
CA THR A 259 19.60 10.60 -4.58
C THR A 259 19.43 9.29 -3.84
N LEU A 260 18.19 8.94 -3.57
CA LEU A 260 17.90 7.68 -2.92
C LEU A 260 18.44 6.49 -3.72
N ASP A 261 18.24 6.53 -5.03
CA ASP A 261 18.67 5.41 -5.89
C ASP A 261 20.18 5.27 -5.93
N LEU A 262 20.88 6.41 -5.89
CA LEU A 262 22.33 6.40 -5.85
C LEU A 262 22.83 5.81 -4.55
N LYS A 263 22.07 5.98 -3.48
CA LYS A 263 22.47 5.46 -2.19
C LYS A 263 22.33 3.94 -2.13
N TYR A 264 21.21 3.43 -2.64
CA TYR A 264 20.95 2.01 -2.54
C TYR A 264 21.39 1.23 -3.77
N LEU A 265 21.82 1.96 -4.80
CA LEU A 265 22.17 1.37 -6.09
C LEU A 265 21.02 0.48 -6.61
N SER A 266 19.80 1.01 -6.51
CA SER A 266 18.61 0.34 -7.04
C SER A 266 17.57 1.36 -7.45
N THR A 267 16.45 0.90 -7.98
CA THR A 267 15.40 1.80 -8.47
C THR A 267 14.15 1.56 -7.64
N GLN A 268 13.76 2.52 -6.78
CA GLN A 268 12.58 2.25 -5.94
C GLN A 268 11.26 2.52 -6.68
N VAL A 269 11.32 3.19 -7.83
CA VAL A 269 10.10 3.52 -8.56
C VAL A 269 9.79 2.55 -9.71
N GLY A 270 8.63 1.92 -9.68
CA GLY A 270 8.17 1.18 -10.86
C GLY A 270 7.38 -0.06 -10.53
N PRO A 271 6.89 -0.77 -11.58
CA PRO A 271 6.15 -2.01 -11.48
C PRO A 271 6.81 -3.07 -10.61
N HIS A 272 8.14 -3.05 -10.51
CA HIS A 272 8.86 -4.08 -9.77
C HIS A 272 8.83 -3.88 -8.26
N ARG A 273 8.14 -2.85 -7.79
CA ARG A 273 7.98 -2.62 -6.36
C ARG A 273 6.53 -2.59 -5.96
N GLU A 274 5.64 -2.99 -6.86
CA GLU A 274 4.20 -2.87 -6.59
C GLU A 274 3.66 -4.06 -5.80
N ASP A 275 2.41 -3.96 -5.36
CA ASP A 275 1.76 -5.09 -4.72
C ASP A 275 0.28 -4.97 -4.99
N PHE A 276 -0.49 -5.97 -4.60
CA PHE A 276 -1.93 -5.79 -4.53
C PHE A 276 -2.43 -6.43 -3.24
N LYS A 277 -3.43 -5.80 -2.62
CA LYS A 277 -3.90 -6.25 -1.32
C LYS A 277 -5.19 -6.98 -1.52
N ILE A 278 -5.35 -8.11 -0.85
CA ILE A 278 -6.59 -8.87 -0.98
C ILE A 278 -7.42 -8.70 0.30
N LEU A 279 -8.61 -8.09 0.18
CA LEU A 279 -9.42 -7.81 1.36
C LEU A 279 -10.63 -8.72 1.49
N ILE A 280 -10.82 -9.28 2.68
CA ILE A 280 -12.02 -10.02 3.01
C ILE A 280 -12.92 -9.19 3.93
N ASN A 281 -14.15 -8.93 3.49
CA ASN A 281 -15.14 -8.15 4.24
C ASN A 281 -14.75 -6.69 4.46
N GLY A 282 -13.45 -6.43 4.55
CA GLY A 282 -12.94 -5.08 4.74
C GLY A 282 -11.57 -5.09 5.37
N TYR A 283 -11.10 -6.29 5.72
CA TYR A 283 -9.80 -6.45 6.36
C TYR A 283 -8.73 -7.00 5.41
N ASP A 284 -7.47 -6.70 5.71
CA ASP A 284 -6.34 -7.25 4.97
C ASP A 284 -6.21 -8.73 5.29
N SER A 285 -6.38 -9.56 4.26
CA SER A 285 -6.39 -11.01 4.45
C SER A 285 -5.00 -11.54 4.82
N ARG A 286 -3.95 -10.80 4.49
CA ARG A 286 -2.61 -11.25 4.79
C ARG A 286 -2.38 -11.27 6.30
N VAL A 287 -3.04 -10.37 7.02
CA VAL A 287 -2.80 -10.23 8.45
C VAL A 287 -4.03 -10.47 9.34
N TYR A 288 -5.20 -10.00 8.93
CA TYR A 288 -6.37 -9.99 9.79
C TYR A 288 -7.20 -11.28 9.79
N SER A 289 -6.79 -12.28 9.01
CA SER A 289 -7.60 -13.48 8.94
C SER A 289 -6.89 -14.75 9.37
N SER A 290 -7.65 -15.81 9.60
CA SER A 290 -7.08 -17.09 9.97
C SER A 290 -6.62 -17.92 8.78
N GLN A 291 -6.34 -19.19 9.06
CA GLN A 291 -5.81 -20.09 8.05
C GLN A 291 -6.94 -20.76 7.27
N GLY A 292 -8.14 -20.69 7.81
CA GLY A 292 -9.30 -21.24 7.12
C GLY A 292 -9.56 -20.42 5.88
N GLN A 293 -9.63 -19.11 6.07
CA GLN A 293 -10.02 -18.22 4.99
C GLN A 293 -8.87 -17.90 4.03
N LYS A 294 -7.63 -18.01 4.49
CA LYS A 294 -6.49 -17.86 3.60
C LYS A 294 -6.47 -18.98 2.59
N ARG A 295 -6.71 -20.19 3.08
CA ARG A 295 -6.79 -21.37 2.24
C ARG A 295 -7.98 -21.24 1.28
N THR A 296 -9.04 -20.60 1.75
CA THR A 296 -10.22 -20.40 0.93
C THR A 296 -9.95 -19.34 -0.14
N ALA A 297 -9.32 -18.24 0.29
CA ALA A 297 -8.95 -17.15 -0.59
C ALA A 297 -7.99 -17.60 -1.68
N ALA A 298 -7.06 -18.49 -1.32
CA ALA A 298 -6.13 -19.09 -2.28
C ALA A 298 -6.89 -19.86 -3.36
N LEU A 299 -7.88 -20.62 -2.92
CA LEU A 299 -8.71 -21.44 -3.81
C LEU A 299 -9.46 -20.57 -4.83
N CYS A 300 -10.08 -19.51 -4.31
CA CYS A 300 -10.82 -18.56 -5.15
C CYS A 300 -9.91 -17.85 -6.15
N LEU A 301 -8.72 -17.47 -5.68
CA LEU A 301 -7.70 -16.88 -6.53
C LEU A 301 -7.38 -17.79 -7.72
N LYS A 302 -7.17 -19.08 -7.43
CA LYS A 302 -6.79 -20.05 -8.48
C LYS A 302 -7.97 -20.42 -9.37
N LEU A 303 -9.15 -20.55 -8.77
CA LEU A 303 -10.36 -20.77 -9.54
C LEU A 303 -10.56 -19.63 -10.53
N SER A 304 -10.22 -18.42 -10.11
CA SER A 304 -10.31 -17.24 -10.97
C SER A 304 -9.26 -17.22 -12.07
N GLU A 305 -8.06 -17.68 -11.74
CA GLU A 305 -6.99 -17.79 -12.72
C GLU A 305 -7.49 -18.66 -13.85
N LEU A 306 -8.02 -19.81 -13.47
CA LEU A 306 -8.58 -20.75 -14.43
C LEU A 306 -9.67 -20.11 -15.30
N GLU A 307 -10.64 -19.48 -14.65
CA GLU A 307 -11.74 -18.86 -15.37
C GLU A 307 -11.27 -17.78 -16.34
N ILE A 308 -10.44 -16.85 -15.85
CA ILE A 308 -9.91 -15.80 -16.72
C ILE A 308 -9.08 -16.41 -17.89
N LEU A 309 -8.28 -17.43 -17.59
CA LEU A 309 -7.45 -18.04 -18.65
C LEU A 309 -8.34 -18.63 -19.77
N GLU A 310 -9.37 -19.38 -19.40
CA GLU A 310 -10.28 -19.95 -20.42
C GLU A 310 -10.96 -18.90 -21.28
N GLU A 311 -11.46 -17.85 -20.62
CA GLU A 311 -12.17 -16.79 -21.32
C GLU A 311 -11.24 -15.99 -22.23
N GLU A 312 -10.05 -15.66 -21.75
CA GLU A 312 -9.13 -14.88 -22.55
C GLU A 312 -8.53 -15.67 -23.73
N THR A 313 -8.24 -16.95 -23.55
CA THR A 313 -7.59 -17.69 -24.64
C THR A 313 -8.54 -18.47 -25.53
N GLY A 314 -9.76 -18.70 -25.05
CA GLY A 314 -10.68 -19.59 -25.75
C GLY A 314 -10.24 -21.05 -25.77
N GLU A 315 -9.23 -21.38 -24.97
CA GLU A 315 -8.80 -22.76 -24.80
C GLU A 315 -9.19 -23.31 -23.44
N LYS A 316 -9.38 -24.62 -23.36
CA LYS A 316 -9.55 -25.25 -22.05
C LYS A 316 -8.25 -25.95 -21.63
N PRO A 317 -7.69 -25.51 -20.50
CA PRO A 317 -6.37 -25.99 -20.06
C PRO A 317 -6.41 -27.34 -19.40
N VAL A 318 -5.22 -27.92 -19.23
CA VAL A 318 -5.06 -29.12 -18.44
C VAL A 318 -4.93 -28.71 -16.98
N LEU A 319 -5.50 -29.49 -16.07
CA LEU A 319 -5.47 -29.15 -14.66
C LEU A 319 -4.44 -30.02 -13.91
N LEU A 320 -3.56 -29.38 -13.14
CA LEU A 320 -2.60 -30.09 -12.30
C LEU A 320 -2.88 -29.88 -10.79
N LEU A 321 -3.17 -30.96 -10.08
CA LEU A 321 -3.56 -30.88 -8.67
C LEU A 321 -2.53 -31.57 -7.82
N ASP A 322 -1.65 -30.79 -7.20
CA ASP A 322 -0.54 -31.39 -6.46
C ASP A 322 -0.83 -31.41 -4.98
N ASP A 323 -1.08 -32.61 -4.45
CA ASP A 323 -1.19 -32.80 -3.01
C ASP A 323 -2.25 -31.87 -2.43
N VAL A 324 -3.42 -31.82 -3.08
CA VAL A 324 -4.48 -30.92 -2.65
C VAL A 324 -5.77 -31.71 -2.50
N MET A 325 -5.68 -33.02 -2.71
CA MET A 325 -6.86 -33.87 -2.64
C MET A 325 -6.88 -34.73 -1.37
N SER A 326 -5.92 -34.52 -0.48
CA SER A 326 -5.96 -35.16 0.82
C SER A 326 -6.98 -34.43 1.70
N GLU A 327 -7.09 -34.81 2.97
CA GLU A 327 -8.06 -34.23 3.92
C GLU A 327 -9.51 -34.35 3.42
N LEU A 328 -10.13 -33.18 3.26
CA LEU A 328 -11.35 -33.00 2.47
C LEU A 328 -12.59 -33.81 2.79
N ASP A 329 -13.35 -33.48 3.86
CA ASP A 329 -14.71 -34.06 4.06
C ASP A 329 -15.45 -33.99 2.70
N ASP A 330 -16.42 -34.86 2.45
CA ASP A 330 -16.51 -35.22 1.07
C ASP A 330 -17.52 -34.42 0.28
N ASN A 331 -18.30 -33.60 0.96
CA ASN A 331 -19.02 -32.56 0.25
C ASN A 331 -18.06 -31.48 -0.24
N ARG A 332 -16.90 -31.38 0.41
CA ARG A 332 -15.83 -30.50 -0.05
C ARG A 332 -14.97 -31.16 -1.14
N LYS A 333 -15.21 -32.45 -1.36
CA LYS A 333 -14.60 -33.16 -2.50
C LYS A 333 -15.59 -33.27 -3.65
N LYS A 334 -16.87 -33.43 -3.29
CA LYS A 334 -17.96 -33.59 -4.23
C LYS A 334 -18.09 -32.37 -5.13
N TYR A 335 -17.62 -31.24 -4.62
CA TYR A 335 -17.68 -29.94 -5.28
C TYR A 335 -16.57 -29.76 -6.33
N ILE A 336 -15.37 -30.22 -5.98
CA ILE A 336 -14.19 -30.03 -6.80
C ILE A 336 -14.00 -31.13 -7.86
N LEU A 337 -14.18 -32.39 -7.47
CA LEU A 337 -13.99 -33.53 -8.35
C LEU A 337 -15.02 -33.60 -9.49
N LYS A 338 -16.12 -32.87 -9.33
CA LYS A 338 -17.15 -32.80 -10.36
C LYS A 338 -16.90 -31.55 -11.20
N LYS A 339 -16.32 -30.55 -10.56
CA LYS A 339 -15.81 -29.39 -11.28
C LYS A 339 -14.70 -29.77 -12.29
N LEU A 340 -14.05 -30.91 -12.09
CA LEU A 340 -12.96 -31.37 -13.00
C LEU A 340 -13.48 -32.01 -14.28
N GLU A 341 -14.81 -32.00 -14.43
CA GLU A 341 -15.51 -32.84 -15.40
C GLU A 341 -14.95 -32.80 -16.81
N GLY A 342 -15.06 -31.68 -17.49
CA GLY A 342 -14.64 -31.69 -18.89
C GLY A 342 -13.14 -31.43 -19.12
N PHE A 343 -12.33 -31.51 -18.07
CA PHE A 343 -10.87 -31.30 -18.19
C PHE A 343 -10.07 -32.60 -18.19
N GLN A 344 -8.91 -32.60 -18.84
CA GLN A 344 -7.91 -33.58 -18.45
C GLN A 344 -7.27 -33.06 -17.16
N SER A 345 -7.17 -33.90 -16.13
CA SER A 345 -6.51 -33.47 -14.90
C SER A 345 -5.47 -34.48 -14.44
N PHE A 346 -4.49 -33.99 -13.69
CA PHE A 346 -3.46 -34.82 -13.10
C PHE A 346 -3.53 -34.58 -11.62
N ILE A 347 -3.87 -35.63 -10.88
CA ILE A 347 -4.06 -35.51 -9.44
C ILE A 347 -3.09 -36.41 -8.67
N THR A 348 -2.33 -35.81 -7.76
CA THR A 348 -1.43 -36.60 -6.94
C THR A 348 -2.07 -36.96 -5.62
N HIS A 349 -1.79 -38.16 -5.15
CA HIS A 349 -2.35 -38.60 -3.88
C HIS A 349 -1.48 -39.69 -3.26
N THR A 350 -1.84 -40.08 -2.04
CA THR A 350 -1.19 -41.14 -1.29
C THR A 350 -1.78 -42.52 -1.62
N SER A 351 -3.08 -42.56 -1.89
CA SER A 351 -3.75 -43.83 -2.20
C SER A 351 -4.54 -43.70 -3.48
N LYS A 352 -4.98 -44.83 -4.03
CA LYS A 352 -5.85 -44.80 -5.21
C LYS A 352 -7.30 -45.18 -4.89
N SER A 353 -7.59 -45.41 -3.61
CA SER A 353 -8.97 -45.66 -3.19
C SER A 353 -9.70 -44.35 -3.08
N ASP A 354 -9.18 -43.48 -2.21
CA ASP A 354 -9.80 -42.19 -1.92
C ASP A 354 -10.40 -41.51 -3.16
N VAL A 355 -9.59 -41.32 -4.20
CA VAL A 355 -10.04 -40.68 -5.43
C VAL A 355 -10.10 -41.71 -6.56
N GLU A 356 -11.09 -41.65 -7.42
CA GLU A 356 -11.11 -42.62 -8.49
C GLU A 356 -10.65 -41.97 -9.75
N GLY A 357 -9.57 -42.45 -10.32
CA GLY A 357 -9.08 -41.88 -11.56
C GLY A 357 -9.70 -42.57 -12.74
N ASP A 358 -9.69 -41.92 -13.89
CA ASP A 358 -10.04 -42.64 -15.10
C ASP A 358 -8.87 -43.49 -15.57
N CYS A 359 -7.67 -43.02 -15.27
CA CYS A 359 -6.45 -43.81 -15.39
C CYS A 359 -5.73 -43.63 -14.09
N CYS A 360 -4.97 -44.64 -13.69
CA CYS A 360 -4.30 -44.59 -12.41
C CYS A 360 -2.86 -45.02 -12.57
N PHE A 361 -1.94 -44.25 -12.00
CA PHE A 361 -0.51 -44.57 -12.06
C PHE A 361 0.08 -44.62 -10.65
N LYS A 362 0.77 -45.72 -10.33
CA LYS A 362 1.54 -45.79 -9.10
C LYS A 362 2.99 -45.39 -9.33
N ILE A 363 3.49 -44.48 -8.51
CA ILE A 363 4.91 -44.19 -8.55
C ILE A 363 5.62 -44.60 -7.28
N TYR A 364 6.70 -45.36 -7.45
CA TYR A 364 7.61 -45.70 -6.36
C TYR A 364 9.05 -45.58 -6.89
N ASP A 365 9.91 -44.88 -6.19
CA ASP A 365 11.29 -44.80 -6.60
C ASP A 365 11.48 -44.25 -8.03
N GLY A 366 10.68 -43.27 -8.38
CA GLY A 366 10.76 -42.62 -9.66
C GLY A 366 10.31 -43.46 -10.80
N ILE A 367 9.68 -44.56 -10.49
CA ILE A 367 9.19 -45.46 -11.48
C ILE A 367 7.68 -45.44 -11.49
N VAL A 368 7.10 -45.17 -12.64
CA VAL A 368 5.68 -44.97 -12.78
C VAL A 368 4.99 -46.20 -13.36
N ASP A 369 4.18 -46.87 -12.57
CA ASP A 369 3.52 -48.13 -12.98
C ASP A 369 2.04 -47.84 -13.32
N LYS A 370 1.62 -47.93 -14.58
CA LYS A 370 0.19 -47.68 -14.86
C LYS A 370 -0.66 -48.81 -14.31
N LEU A 371 -1.72 -48.43 -13.62
CA LEU A 371 -2.75 -49.29 -12.98
C LEU A 371 -2.16 -49.93 -11.75
N ALA A 372 -1.95 -49.08 -10.74
CA ALA A 372 -1.42 -49.49 -9.45
C ALA A 372 -0.19 -50.40 -9.55
N HIS B 2 12.69 34.99 23.11
CA HIS B 2 11.95 34.69 24.33
C HIS B 2 12.69 35.09 25.57
N HIS B 3 11.91 35.49 26.56
CA HIS B 3 12.36 36.02 27.80
C HIS B 3 12.67 34.91 28.76
N SER B 4 12.36 33.70 28.36
CA SER B 4 12.56 32.56 29.20
C SER B 4 12.50 31.29 28.43
N GLN B 5 12.65 30.22 29.16
CA GLN B 5 12.39 28.89 28.62
C GLN B 5 11.32 28.11 29.46
N ASP B 6 10.36 28.85 30.05
CA ASP B 6 9.24 28.20 30.73
C ASP B 6 8.40 27.41 29.70
N PRO B 7 8.11 26.13 29.99
CA PRO B 7 7.26 25.29 29.14
C PRO B 7 5.80 25.75 29.05
N MET B 8 5.13 25.45 27.94
CA MET B 8 3.69 25.65 27.82
C MET B 8 3.06 24.90 28.95
N TYR B 9 2.04 25.52 29.53
CA TYR B 9 1.42 25.00 30.73
C TYR B 9 0.00 25.51 30.76
N LEU B 10 -0.96 24.60 30.74
CA LEU B 10 -2.37 24.97 30.92
C LEU B 10 -2.70 24.94 32.41
N LYS B 11 -2.76 26.11 33.03
CA LYS B 11 -2.99 26.21 34.47
C LYS B 11 -4.37 25.70 34.81
N GLU B 12 -5.33 26.04 33.96
CA GLU B 12 -6.71 25.70 34.20
C GLU B 12 -7.53 25.81 32.92
N ILE B 13 -8.67 25.14 32.90
CA ILE B 13 -9.61 25.31 31.83
C ILE B 13 -11.00 25.41 32.42
N PHE B 14 -11.84 26.22 31.78
CA PHE B 14 -13.25 26.40 32.17
C PHE B 14 -14.09 26.03 30.96
N VAL B 15 -14.97 25.05 31.12
CA VAL B 15 -15.85 24.63 30.03
C VAL B 15 -17.31 24.88 30.41
N ASP B 16 -18.04 25.49 29.49
CA ASP B 16 -19.45 25.81 29.68
C ASP B 16 -20.23 25.29 28.49
N ASN B 17 -21.18 24.40 28.76
CA ASN B 17 -21.99 23.74 27.72
C ASN B 17 -21.17 23.03 26.65
N PHE B 18 -20.00 22.54 27.02
CA PHE B 18 -19.15 21.85 26.06
C PHE B 18 -19.44 20.35 26.04
N ARG B 19 -20.07 19.90 24.96
CA ARG B 19 -20.37 18.49 24.79
C ARG B 19 -21.17 17.96 25.97
N ASN B 20 -20.70 16.86 26.54
CA ASN B 20 -21.35 16.24 27.69
C ASN B 20 -20.71 16.69 29.00
N LEU B 21 -19.69 17.54 28.89
CA LEU B 21 -19.05 18.05 30.09
C LEU B 21 -20.00 18.98 30.84
N LYS B 22 -20.03 18.86 32.17
CA LYS B 22 -20.75 19.80 33.00
C LYS B 22 -20.00 21.12 33.03
N LYS B 23 -20.68 22.18 33.48
CA LYS B 23 -20.05 23.48 33.63
C LYS B 23 -19.11 23.45 34.83
N GLN B 24 -17.83 23.73 34.61
CA GLN B 24 -16.83 23.51 35.63
C GLN B 24 -15.49 24.15 35.32
N LYS B 25 -14.71 24.39 36.37
CA LYS B 25 -13.35 24.85 36.22
C LYS B 25 -12.45 23.72 36.69
N LEU B 26 -11.42 23.41 35.90
CA LEU B 26 -10.46 22.38 36.28
C LEU B 26 -9.09 23.04 36.45
N GLU B 27 -8.37 22.66 37.49
CA GLU B 27 -7.04 23.19 37.71
C GLU B 27 -6.03 22.04 37.56
N PHE B 28 -4.95 22.27 36.83
CA PHE B 28 -4.04 21.19 36.48
C PHE B 28 -2.64 21.40 37.05
N CYS B 29 -1.83 20.35 37.05
CA CYS B 29 -0.45 20.47 37.49
C CYS B 29 0.48 20.51 36.30
N GLU B 30 1.74 20.85 36.51
CA GLU B 30 2.63 21.06 35.39
C GLU B 30 3.31 19.78 34.91
N GLY B 31 2.94 18.65 35.52
CA GLY B 31 3.50 17.37 35.11
C GLY B 31 2.49 16.49 34.40
N VAL B 32 2.41 15.24 34.82
CA VAL B 32 1.42 14.32 34.29
C VAL B 32 0.04 14.57 34.89
N ASN B 33 -0.93 14.85 34.04
CA ASN B 33 -2.33 14.88 34.45
C ASN B 33 -3.03 13.67 33.85
N LEU B 34 -3.37 12.72 34.71
CA LEU B 34 -4.06 11.52 34.30
C LEU B 34 -5.58 11.72 34.37
N ILE B 35 -6.24 11.47 33.24
CA ILE B 35 -7.69 11.49 33.16
C ILE B 35 -8.16 10.08 32.88
N TYR B 36 -9.03 9.54 33.73
CA TYR B 36 -9.48 8.18 33.52
C TYR B 36 -10.97 8.00 33.75
N GLY B 37 -11.49 6.85 33.36
CA GLY B 37 -12.90 6.54 33.51
C GLY B 37 -13.41 5.57 32.46
N LEU B 38 -14.58 4.99 32.73
CA LEU B 38 -15.23 4.09 31.78
C LEU B 38 -15.59 4.84 30.51
N ASN B 39 -16.04 6.07 30.70
CA ASN B 39 -16.50 6.95 29.63
C ASN B 39 -15.57 6.97 28.42
N ALA B 40 -16.16 7.03 27.24
CA ALA B 40 -15.37 7.20 26.03
C ALA B 40 -15.34 8.67 25.64
N GLN B 41 -16.52 9.28 25.59
CA GLN B 41 -16.67 10.67 25.15
C GLN B 41 -16.08 11.67 26.15
N GLY B 42 -16.43 11.54 27.43
CA GLY B 42 -16.00 12.49 28.46
C GLY B 42 -14.49 12.69 28.50
N LYS B 43 -13.76 11.59 28.46
CA LYS B 43 -12.29 11.61 28.38
C LYS B 43 -11.85 12.41 27.15
N SER B 44 -12.50 12.15 26.03
CA SER B 44 -12.13 12.78 24.77
C SER B 44 -12.68 14.21 24.64
N ASN B 45 -13.89 14.44 25.16
CA ASN B 45 -14.48 15.76 25.10
C ASN B 45 -13.57 16.78 25.76
N LEU B 46 -12.96 16.36 26.86
CA LEU B 46 -12.01 17.18 27.60
C LEU B 46 -10.79 17.49 26.74
N LEU B 47 -10.22 16.45 26.11
CA LEU B 47 -9.03 16.63 25.24
C LEU B 47 -9.41 17.52 24.07
N GLU B 48 -10.67 17.40 23.65
CA GLU B 48 -11.18 18.21 22.55
C GLU B 48 -11.26 19.68 22.96
N ALA B 49 -11.76 19.94 24.17
CA ALA B 49 -11.75 21.30 24.70
C ALA B 49 -10.32 21.85 24.75
N ILE B 50 -9.39 21.07 25.28
CA ILE B 50 -8.02 21.54 25.37
C ILE B 50 -7.43 21.81 23.98
N ARG B 51 -7.55 20.83 23.09
CA ARG B 51 -6.98 20.95 21.75
C ARG B 51 -7.65 22.10 20.98
N LEU B 52 -8.90 22.41 21.32
CA LEU B 52 -9.59 23.53 20.69
C LEU B 52 -8.80 24.84 20.89
N LEU B 53 -8.21 24.98 22.08
CA LEU B 53 -7.51 26.22 22.44
C LEU B 53 -6.24 26.39 21.65
N SER B 54 -5.74 25.28 21.07
CA SER B 54 -4.56 25.33 20.18
C SER B 54 -4.92 25.55 18.71
N MET B 55 -5.94 24.83 18.24
CA MET B 55 -6.19 24.74 16.80
C MET B 55 -7.42 25.52 16.35
N GLY B 56 -8.31 25.81 17.28
CA GLY B 56 -9.50 26.57 16.96
C GLY B 56 -10.50 25.74 16.20
N ARG B 57 -10.34 24.41 16.26
CA ARG B 57 -11.29 23.49 15.65
C ARG B 57 -11.33 22.20 16.45
N SER B 58 -12.29 21.33 16.12
CA SER B 58 -12.40 20.02 16.73
C SER B 58 -11.41 19.05 16.12
N PHE B 59 -10.67 18.31 16.95
CA PHE B 59 -9.71 17.36 16.41
C PHE B 59 -10.41 16.09 15.98
N ARG B 60 -11.72 16.04 16.21
CA ARG B 60 -12.57 14.94 15.75
C ARG B 60 -13.20 15.27 14.39
N GLY B 61 -12.94 16.48 13.89
CA GLY B 61 -13.47 16.93 12.62
C GLY B 61 -14.90 17.42 12.70
N SER B 62 -15.47 17.35 13.90
CA SER B 62 -16.86 17.75 14.11
C SER B 62 -17.11 19.20 13.79
N LYS B 63 -18.32 19.49 13.31
CA LYS B 63 -18.75 20.88 13.14
C LYS B 63 -18.91 21.51 14.51
N MET B 64 -18.74 22.83 14.59
CA MET B 64 -18.81 23.55 15.86
C MET B 64 -20.11 23.31 16.60
N SER B 65 -21.22 23.37 15.87
CA SER B 65 -22.56 23.16 16.41
C SER B 65 -22.70 21.81 17.11
N GLU B 66 -21.85 20.85 16.73
CA GLU B 66 -21.87 19.54 17.36
C GLU B 66 -21.19 19.57 18.74
N LEU B 67 -20.32 20.56 18.97
CA LEU B 67 -19.67 20.70 20.27
C LEU B 67 -20.65 21.25 21.33
N VAL B 68 -21.70 21.94 20.87
CA VAL B 68 -22.67 22.57 21.78
C VAL B 68 -23.53 21.51 22.48
N LYS B 69 -23.68 21.63 23.79
CA LYS B 69 -24.57 20.75 24.56
C LYS B 69 -26.02 20.85 24.05
N PHE B 70 -26.77 19.77 24.26
CA PHE B 70 -28.08 19.48 23.66
C PHE B 70 -29.10 20.64 23.56
N ASP B 71 -29.48 21.20 24.70
CA ASP B 71 -30.60 22.13 24.67
C ASP B 71 -30.08 23.53 24.89
N GLU B 72 -28.84 23.77 24.47
CA GLU B 72 -28.18 25.02 24.75
C GLU B 72 -27.89 25.83 23.50
N GLU B 73 -27.65 27.12 23.68
CA GLU B 73 -27.45 28.05 22.57
C GLU B 73 -25.98 28.35 22.30
N TYR B 74 -25.10 27.90 23.18
CA TYR B 74 -23.68 28.23 23.04
C TYR B 74 -22.79 27.27 23.78
N PHE B 75 -21.52 27.21 23.38
CA PHE B 75 -20.51 26.68 24.28
C PHE B 75 -19.43 27.71 24.52
N TYR B 76 -18.72 27.55 25.62
CA TYR B 76 -17.66 28.46 25.97
C TYR B 76 -16.53 27.70 26.63
N VAL B 77 -15.32 28.01 26.17
CA VAL B 77 -14.12 27.39 26.73
C VAL B 77 -13.10 28.48 27.01
N ARG B 78 -12.57 28.47 28.22
CA ARG B 78 -11.59 29.45 28.64
C ARG B 78 -10.40 28.75 29.23
N GLY B 79 -9.23 28.99 28.67
CA GLY B 79 -8.01 28.44 29.21
C GLY B 79 -7.11 29.54 29.71
N LEU B 80 -6.40 29.26 30.81
CA LEU B 80 -5.32 30.10 31.27
C LEU B 80 -3.99 29.36 31.08
N VAL B 81 -3.08 30.01 30.34
CA VAL B 81 -1.87 29.34 29.95
C VAL B 81 -0.64 30.17 30.26
N ARG B 82 0.47 29.51 30.51
CA ARG B 82 1.71 30.26 30.52
C ARG B 82 2.68 29.64 29.52
N SER B 83 3.47 30.50 28.90
CA SER B 83 4.41 30.12 27.86
C SER B 83 5.70 30.87 28.13
N ALA B 84 6.65 30.78 27.20
CA ALA B 84 8.00 31.31 27.43
C ALA B 84 7.97 32.80 27.78
N ASP B 85 7.02 33.53 27.19
CA ASP B 85 6.94 34.98 27.33
C ASP B 85 5.75 35.48 28.16
N PHE B 86 4.92 34.56 28.66
CA PHE B 86 3.70 34.94 29.33
C PHE B 86 3.52 34.15 30.60
N TYR B 87 3.68 34.83 31.74
CA TYR B 87 3.27 34.31 33.03
C TYR B 87 1.83 33.86 32.99
N GLU B 88 0.98 34.64 32.33
CA GLU B 88 -0.38 34.20 32.10
C GLU B 88 -0.95 34.78 30.81
N LYS B 89 -1.61 33.92 30.04
CA LYS B 89 -2.26 34.33 28.81
C LYS B 89 -3.62 33.69 28.83
N LYS B 90 -4.65 34.50 28.63
CA LYS B 90 -6.01 33.99 28.66
C LYS B 90 -6.51 33.74 27.25
N ILE B 91 -7.09 32.58 27.03
CA ILE B 91 -7.58 32.23 25.71
C ILE B 91 -9.02 31.79 25.88
N GLU B 92 -9.91 32.46 25.16
CA GLU B 92 -11.34 32.19 25.23
C GLU B 92 -11.92 31.87 23.88
N PHE B 93 -12.75 30.84 23.83
CA PHE B 93 -13.41 30.44 22.58
C PHE B 93 -14.89 30.32 22.86
N GLY B 94 -15.64 31.22 22.25
CA GLY B 94 -17.08 31.20 22.40
C GLY B 94 -17.75 30.93 21.08
N TYR B 95 -18.69 30.01 21.07
CA TYR B 95 -19.47 29.73 19.87
C TYR B 95 -20.96 29.61 20.21
N LYS B 96 -21.75 30.38 19.48
CA LYS B 96 -23.20 30.35 19.59
C LYS B 96 -23.83 29.68 18.35
N VAL B 97 -24.90 28.92 18.55
CA VAL B 97 -25.46 28.13 17.46
C VAL B 97 -25.95 28.96 16.30
N ASN B 98 -26.19 30.26 16.50
CA ASN B 98 -26.56 31.14 15.39
C ASN B 98 -25.39 31.48 14.47
N GLY B 99 -24.18 31.04 14.84
CA GLY B 99 -23.05 31.19 13.94
C GLY B 99 -21.83 31.93 14.44
N ASN B 100 -22.00 33.09 15.06
CA ASN B 100 -20.83 33.90 15.36
C ASN B 100 -19.86 33.23 16.35
N LYS B 101 -18.62 33.07 15.90
CA LYS B 101 -17.51 32.69 16.76
C LYS B 101 -16.96 33.93 17.44
N VAL B 102 -16.64 33.81 18.72
CA VAL B 102 -15.83 34.85 19.37
C VAL B 102 -14.59 34.21 20.00
N ILE B 103 -13.42 34.59 19.48
CA ILE B 103 -12.16 34.10 20.02
C ILE B 103 -11.37 35.27 20.54
N LYS B 104 -10.91 35.17 21.77
CA LYS B 104 -10.13 36.26 22.36
C LYS B 104 -8.85 35.78 23.04
N VAL B 105 -7.80 36.57 22.86
CA VAL B 105 -6.53 36.33 23.56
C VAL B 105 -6.21 37.55 24.41
N ASN B 106 -6.08 37.34 25.72
CA ASN B 106 -5.89 38.42 26.68
C ASN B 106 -6.91 39.54 26.47
N GLY B 107 -8.18 39.18 26.36
CA GLY B 107 -9.27 40.13 26.22
C GLY B 107 -9.45 40.76 24.83
N ASN B 108 -8.53 40.45 23.92
CA ASN B 108 -8.61 41.00 22.56
C ASN B 108 -9.17 39.99 21.56
N LYS B 109 -10.23 40.38 20.85
CA LYS B 109 -10.86 39.52 19.86
C LYS B 109 -9.98 39.34 18.62
N LEU B 110 -9.74 38.09 18.23
CA LEU B 110 -9.02 37.81 16.98
C LEU B 110 -9.96 38.00 15.80
N LYS B 111 -9.48 38.66 14.74
CA LYS B 111 -10.36 38.86 13.58
C LYS B 111 -10.55 37.59 12.73
N SER B 112 -9.70 36.58 12.89
CA SER B 112 -9.89 35.30 12.20
C SER B 112 -9.51 34.11 13.08
N THR B 113 -10.21 32.99 12.88
CA THR B 113 -9.99 31.79 13.69
C THR B 113 -8.53 31.36 13.65
N GLY B 114 -7.90 31.50 12.49
CA GLY B 114 -6.53 31.05 12.30
C GLY B 114 -5.52 31.79 13.14
N GLU B 115 -5.92 32.92 13.69
CA GLU B 115 -4.98 33.70 14.49
C GLU B 115 -4.73 33.08 15.87
N ILE B 116 -5.55 32.12 16.25
CA ILE B 116 -5.37 31.39 17.50
C ILE B 116 -4.08 30.55 17.50
N LEU B 117 -3.63 30.09 16.33
CA LEU B 117 -2.37 29.34 16.19
C LEU B 117 -1.15 30.24 16.48
N GLY B 118 -0.13 29.79 17.18
CA GLY B 118 -0.18 28.84 18.27
C GLY B 118 0.20 29.67 19.51
N HIS B 119 -0.84 30.22 20.11
CA HIS B 119 -0.72 30.91 21.38
C HIS B 119 -0.52 29.87 22.47
N PHE B 120 -1.10 28.70 22.22
CA PHE B 120 -1.07 27.57 23.14
C PHE B 120 -0.71 26.31 22.35
N LEU B 121 0.52 25.84 22.48
CA LEU B 121 0.96 24.68 21.68
C LEU B 121 0.70 23.32 22.32
N THR B 122 0.01 22.45 21.61
CA THR B 122 -0.10 21.06 22.04
C THR B 122 0.35 20.09 20.93
N VAL B 123 0.81 18.90 21.30
CA VAL B 123 0.86 17.83 20.30
C VAL B 123 0.06 16.65 20.83
N ILE B 124 -0.79 16.08 19.98
CA ILE B 124 -1.68 15.01 20.44
C ILE B 124 -1.31 13.66 19.81
N PHE B 125 -1.13 12.66 20.66
CA PHE B 125 -0.74 11.32 20.25
C PHE B 125 -1.94 10.41 20.33
N SER B 126 -2.10 9.53 19.35
CA SER B 126 -3.26 8.63 19.28
C SER B 126 -2.92 7.37 18.47
N PRO B 127 -3.60 6.24 18.77
CA PRO B 127 -3.47 5.04 17.95
C PRO B 127 -3.76 5.32 16.49
N GLU B 128 -4.69 6.24 16.23
CA GLU B 128 -5.00 6.68 14.87
C GLU B 128 -3.82 7.19 14.04
N ASP B 129 -2.70 7.52 14.68
CA ASP B 129 -1.57 8.13 13.98
C ASP B 129 -0.94 7.15 12.98
N ILE B 130 -1.16 5.86 13.21
CA ILE B 130 -0.64 4.85 12.29
C ILE B 130 -1.31 4.95 10.91
N GLU B 131 -2.51 5.53 10.88
CA GLU B 131 -3.21 5.79 9.62
C GLU B 131 -2.44 6.72 8.70
N ILE B 132 -1.61 7.59 9.29
CA ILE B 132 -0.75 8.47 8.50
C ILE B 132 0.28 7.65 7.73
N ILE B 133 0.71 6.53 8.31
CA ILE B 133 1.59 5.63 7.59
C ILE B 133 0.82 4.78 6.59
N LYS B 134 -0.35 4.29 7.01
CA LYS B 134 -1.11 3.29 6.27
C LYS B 134 -1.86 3.83 5.07
N GLU B 135 -2.54 4.96 5.25
CA GLU B 135 -3.53 5.38 4.28
C GLU B 135 -2.95 6.23 3.15
N GLY B 136 -3.83 6.91 2.43
CA GLY B 136 -3.46 7.55 1.17
C GLY B 136 -2.93 8.96 1.28
N PRO B 137 -2.66 9.59 0.12
CA PRO B 137 -2.06 10.91 0.00
C PRO B 137 -2.75 11.98 0.88
N SER B 138 -4.08 12.04 0.81
CA SER B 138 -4.83 13.06 1.58
C SER B 138 -4.62 13.04 3.09
N ARG B 139 -4.46 11.86 3.68
CA ARG B 139 -4.24 11.77 5.13
C ARG B 139 -2.90 12.39 5.55
N ARG B 140 -1.85 12.11 4.76
CA ARG B 140 -0.51 12.67 4.95
C ARG B 140 -0.51 14.17 4.69
N ARG B 141 -1.23 14.56 3.64
CA ARG B 141 -1.31 15.94 3.20
C ARG B 141 -1.92 16.86 4.28
N LYS B 142 -3.07 16.44 4.82
CA LYS B 142 -3.75 17.19 5.86
C LYS B 142 -2.92 17.27 7.13
N TYR B 143 -2.27 16.16 7.49
CA TYR B 143 -1.36 16.17 8.65
C TYR B 143 -0.24 17.18 8.45
N LEU B 144 0.42 17.13 7.29
CA LEU B 144 1.46 18.10 6.95
C LEU B 144 0.96 19.55 7.09
N ASP B 145 -0.22 19.81 6.53
CA ASP B 145 -0.80 21.14 6.52
C ASP B 145 -1.02 21.67 7.93
N ALA B 146 -1.45 20.78 8.84
CA ALA B 146 -1.76 21.15 10.21
C ALA B 146 -0.48 21.36 11.01
N CYS B 147 0.52 20.51 10.77
CA CYS B 147 1.81 20.67 11.41
C CYS B 147 2.48 22.00 11.05
N ILE B 148 2.46 22.34 9.76
CA ILE B 148 3.11 23.55 9.28
C ILE B 148 2.33 24.79 9.76
N SER B 149 1.01 24.73 9.72
CA SER B 149 0.15 25.88 10.02
C SER B 149 0.30 26.41 11.45
N VAL B 150 0.50 25.48 12.38
CA VAL B 150 0.74 25.81 13.77
C VAL B 150 2.03 26.62 13.94
N ILE B 151 3.04 26.26 13.16
CA ILE B 151 4.32 26.97 13.18
C ILE B 151 4.29 28.27 12.36
N ASP B 152 3.66 28.23 11.20
CA ASP B 152 3.82 29.27 10.19
C ASP B 152 2.47 29.78 9.70
N LYS B 153 2.09 30.98 10.10
CA LYS B 153 0.77 31.51 9.81
C LYS B 153 0.69 32.12 8.42
N ASN B 154 1.84 32.51 7.88
CA ASN B 154 1.92 32.84 6.45
C ASN B 154 1.44 31.67 5.58
N TYR B 155 1.91 30.47 5.91
CA TYR B 155 1.55 29.24 5.17
C TYR B 155 0.07 28.99 5.32
N PHE B 156 -0.44 29.17 6.53
CA PHE B 156 -1.86 28.90 6.77
C PHE B 156 -2.72 29.81 5.90
N PHE B 157 -2.37 31.09 5.90
N PHE B 157 -2.35 31.08 5.80
CA PHE B 157 -2.94 32.10 5.00
CA PHE B 157 -3.16 32.00 5.01
C PHE B 157 -2.96 31.58 3.56
C PHE B 157 -2.92 31.83 3.47
N ASP B 158 -1.75 31.33 3.06
CA ASP B 158 -1.57 30.93 1.65
C ASP B 158 -2.47 29.76 1.30
N LEU B 159 -2.50 28.81 2.22
CA LEU B 159 -3.30 27.61 2.06
C LEU B 159 -4.78 27.94 1.90
N LEU B 160 -5.25 28.95 2.65
CA LEU B 160 -6.64 29.40 2.52
C LEU B 160 -6.92 30.06 1.20
N GLN B 161 -6.06 30.98 0.78
CA GLN B 161 -6.22 31.62 -0.52
C GLN B 161 -6.13 30.57 -1.62
N TYR B 162 -5.20 29.63 -1.47
CA TYR B 162 -5.05 28.58 -2.46
C TYR B 162 -6.33 27.77 -2.57
N ASN B 163 -6.86 27.32 -1.43
CA ASN B 163 -8.05 26.47 -1.44
C ASN B 163 -9.24 27.20 -2.03
N LYS B 164 -9.36 28.48 -1.72
CA LYS B 164 -10.47 29.28 -2.22
C LYS B 164 -10.39 29.43 -3.73
N THR B 165 -9.19 29.72 -4.21
CA THR B 165 -8.96 29.85 -5.64
C THR B 165 -9.26 28.55 -6.39
N LEU B 166 -8.83 27.43 -5.82
CA LEU B 166 -9.06 26.12 -6.44
C LEU B 166 -10.54 25.83 -6.66
N SER B 167 -11.35 26.04 -5.62
CA SER B 167 -12.79 25.78 -5.71
C SER B 167 -13.43 26.67 -6.77
N ASN B 168 -13.01 27.93 -6.82
CA ASN B 168 -13.44 28.82 -7.90
C ASN B 168 -13.06 28.26 -9.26
N ARG B 169 -11.80 27.85 -9.38
CA ARG B 169 -11.33 27.31 -10.64
C ARG B 169 -12.17 26.08 -11.01
N ASN B 170 -12.40 25.19 -10.05
CA ASN B 170 -13.19 23.99 -10.31
C ASN B 170 -14.64 24.28 -10.68
N SER B 171 -15.21 25.34 -10.11
CA SER B 171 -16.56 25.73 -10.49
C SER B 171 -16.56 26.26 -11.92
N LEU B 172 -15.44 26.86 -12.32
CA LEU B 172 -15.30 27.42 -13.66
C LEU B 172 -15.15 26.33 -14.72
N LEU B 173 -14.46 25.25 -14.37
CA LEU B 173 -14.25 24.13 -15.30
C LEU B 173 -15.59 23.61 -15.83
N LYS B 174 -16.60 23.53 -14.96
CA LYS B 174 -17.90 23.02 -15.36
C LYS B 174 -18.71 24.05 -16.15
N LYS B 175 -18.33 25.33 -16.07
CA LYS B 175 -18.95 26.34 -16.92
C LYS B 175 -18.34 26.26 -18.32
N ILE B 176 -17.05 25.98 -18.38
CA ILE B 176 -16.35 25.87 -19.65
C ILE B 176 -16.87 24.67 -20.42
N LYS B 177 -17.33 23.64 -19.71
CA LYS B 177 -17.76 22.42 -20.38
C LYS B 177 -19.27 22.38 -20.67
N GLU B 178 -20.07 23.05 -19.85
CA GLU B 178 -21.51 23.08 -20.09
C GLU B 178 -21.87 24.18 -21.10
N GLU B 179 -21.44 25.42 -20.85
CA GLU B 179 -21.38 26.42 -21.90
C GLU B 179 -20.08 26.20 -22.66
N GLY B 180 -19.70 27.14 -23.52
CA GLY B 180 -18.52 26.94 -24.33
C GLY B 180 -17.48 28.03 -24.15
N LYS B 181 -17.45 28.63 -22.97
CA LYS B 181 -16.57 29.77 -22.73
C LYS B 181 -16.19 29.94 -21.26
N GLY B 182 -15.12 30.70 -21.02
CA GLY B 182 -14.70 31.00 -19.68
C GLY B 182 -13.23 30.74 -19.40
N GLU B 183 -12.51 30.33 -20.44
CA GLU B 183 -11.08 30.04 -20.30
C GLU B 183 -10.25 31.30 -20.00
N ASP B 184 -10.87 32.47 -20.17
CA ASP B 184 -10.20 33.73 -19.83
C ASP B 184 -9.99 33.86 -18.32
N LEU B 185 -11.01 33.46 -17.55
CA LEU B 185 -10.88 33.45 -16.10
C LEU B 185 -9.98 32.31 -15.68
N LEU B 186 -9.96 31.25 -16.50
CA LEU B 186 -9.15 30.08 -16.23
C LEU B 186 -7.69 30.47 -16.14
N GLU B 187 -7.21 31.16 -17.16
CA GLU B 187 -5.83 31.65 -17.17
C GLU B 187 -5.51 32.51 -15.94
N ILE B 188 -6.47 33.32 -15.52
CA ILE B 188 -6.30 34.14 -14.32
C ILE B 188 -6.24 33.28 -13.06
N PHE B 189 -7.11 32.28 -13.00
CA PHE B 189 -7.10 31.39 -11.86
C PHE B 189 -5.80 30.61 -11.85
N ASP B 190 -5.33 30.23 -13.03
CA ASP B 190 -4.11 29.44 -13.12
C ASP B 190 -2.93 30.20 -12.55
N GLU B 191 -2.82 31.47 -12.94
CA GLU B 191 -1.79 32.35 -12.40
CA GLU B 191 -1.81 32.38 -12.41
C GLU B 191 -1.87 32.42 -10.88
N LYS B 192 -3.08 32.55 -10.36
CA LYS B 192 -3.23 32.61 -8.91
C LYS B 192 -2.87 31.28 -8.24
N LEU B 193 -3.33 30.15 -8.80
CA LEU B 193 -3.00 28.84 -8.22
C LEU B 193 -1.49 28.58 -8.21
N ALA B 194 -0.81 28.97 -9.27
CA ALA B 194 0.65 28.80 -9.40
C ALA B 194 1.40 29.65 -8.36
N GLU B 195 0.99 30.90 -8.22
CA GLU B 195 1.65 31.78 -7.22
C GLU B 195 1.55 31.22 -5.81
N TYR B 196 0.34 30.91 -5.37
CA TYR B 196 0.15 30.41 -4.02
C TYR B 196 0.73 29.02 -3.89
N GLY B 197 0.56 28.22 -4.94
CA GLY B 197 1.06 26.87 -4.91
C GLY B 197 2.56 26.84 -4.73
N ALA B 198 3.27 27.72 -5.42
CA ALA B 198 4.73 27.79 -5.30
C ALA B 198 5.18 28.11 -3.88
N ARG B 199 4.48 29.02 -3.22
CA ARG B 199 4.85 29.34 -1.85
C ARG B 199 4.61 28.15 -0.93
N ILE B 200 3.51 27.46 -1.16
CA ILE B 200 3.11 26.31 -0.35
C ILE B 200 4.17 25.19 -0.48
N ILE B 201 4.60 24.97 -1.71
CA ILE B 201 5.57 23.92 -2.02
C ILE B 201 6.92 24.17 -1.39
N LYS B 202 7.38 25.41 -1.49
CA LYS B 202 8.65 25.77 -0.89
C LYS B 202 8.68 25.48 0.61
N VAL B 203 7.61 25.85 1.31
CA VAL B 203 7.54 25.64 2.74
C VAL B 203 7.37 24.15 3.08
N ARG B 204 6.57 23.44 2.29
CA ARG B 204 6.44 21.99 2.53
C ARG B 204 7.79 21.33 2.39
N ASN B 205 8.56 21.76 1.40
CA ASN B 205 9.84 21.14 1.17
C ASN B 205 10.73 21.38 2.37
N ASN B 206 10.71 22.62 2.83
CA ASN B 206 11.51 22.99 3.99
C ASN B 206 11.12 22.14 5.21
N TYR B 207 9.82 21.99 5.46
CA TYR B 207 9.37 21.19 6.59
C TYR B 207 9.77 19.70 6.41
N LEU B 208 9.57 19.15 5.21
CA LEU B 208 9.79 17.71 5.05
C LEU B 208 11.26 17.35 5.17
N GLU B 209 12.13 18.25 4.74
CA GLU B 209 13.58 18.13 5.00
C GLU B 209 13.85 18.02 6.51
N LYS B 210 13.26 18.91 7.30
CA LYS B 210 13.45 18.83 8.75
C LYS B 210 12.83 17.55 9.33
N LEU B 211 11.66 17.18 8.82
CA LEU B 211 10.99 15.95 9.24
C LEU B 211 11.86 14.73 8.96
N LYS B 212 12.47 14.70 7.79
CA LYS B 212 13.32 13.56 7.41
C LYS B 212 14.48 13.41 8.41
N ASN B 213 15.18 14.52 8.68
CA ASN B 213 16.29 14.50 9.63
C ASN B 213 15.88 14.05 11.04
N SER B 214 14.76 14.54 11.55
CA SER B 214 14.34 14.17 12.91
C SER B 214 13.89 12.73 12.93
N MET B 215 13.04 12.37 11.98
CA MET B 215 12.47 11.03 11.95
C MET B 215 13.54 9.96 11.77
N SER B 216 14.53 10.25 10.96
CA SER B 216 15.57 9.28 10.68
C SER B 216 16.43 9.09 11.92
N LYS B 217 16.61 10.17 12.69
CA LYS B 217 17.38 10.08 13.93
C LYS B 217 16.68 9.16 14.94
N PHE B 218 15.38 9.37 15.12
CA PHE B 218 14.62 8.59 16.08
C PHE B 218 14.54 7.12 15.68
N LEU B 219 14.39 6.89 14.37
CA LEU B 219 14.21 5.54 13.87
C LEU B 219 15.54 4.77 13.98
N MET B 220 16.64 5.43 13.62
CA MET B 220 17.98 4.84 13.76
C MET B 220 18.25 4.47 15.20
N GLU B 221 17.71 5.24 16.14
CA GLU B 221 17.96 4.96 17.57
C GLU B 221 17.02 3.88 18.11
N ILE B 222 15.76 3.94 17.73
CA ILE B 222 14.77 2.96 18.18
C ILE B 222 14.90 1.58 17.51
N SER B 223 15.17 1.56 16.21
CA SER B 223 15.10 0.31 15.44
C SER B 223 16.35 0.02 14.61
N ASN B 224 17.28 0.97 14.59
CA ASN B 224 18.47 0.88 13.77
C ASN B 224 18.11 0.65 12.29
N GLU B 225 17.03 1.30 11.84
CA GLU B 225 16.67 1.27 10.41
C GLU B 225 16.83 2.66 9.80
N LYS B 226 17.06 2.71 8.49
CA LYS B 226 17.27 3.99 7.84
C LYS B 226 15.94 4.55 7.33
N LEU B 227 15.64 5.82 7.62
CA LEU B 227 14.43 6.49 7.13
C LEU B 227 14.74 7.45 6.00
N GLU B 228 13.93 7.39 4.94
CA GLU B 228 13.99 8.42 3.91
C GLU B 228 12.61 9.03 3.64
N ILE B 229 12.59 10.32 3.29
CA ILE B 229 11.35 10.96 2.84
C ILE B 229 11.52 11.47 1.43
N ILE B 230 10.56 11.19 0.57
CA ILE B 230 10.63 11.72 -0.77
C ILE B 230 9.41 12.62 -0.99
N TYR B 231 9.67 13.90 -1.22
CA TYR B 231 8.59 14.87 -1.38
C TYR B 231 8.22 14.96 -2.85
N LEU B 232 7.01 14.51 -3.16
CA LEU B 232 6.56 14.51 -4.54
C LEU B 232 5.80 15.80 -4.79
N ASN B 233 6.53 16.86 -5.11
CA ASN B 233 5.89 18.15 -5.30
C ASN B 233 5.23 18.18 -6.67
N SER B 234 4.14 18.94 -6.80
CA SER B 234 3.35 18.92 -8.03
C SER B 234 3.95 19.76 -9.16
N ALA B 235 5.13 20.34 -8.93
CA ALA B 235 5.80 21.10 -9.97
C ALA B 235 6.75 20.20 -10.78
N GLY B 236 6.87 18.94 -10.33
CA GLY B 236 7.76 17.97 -10.94
C GLY B 236 9.21 18.40 -11.04
N VAL B 237 9.80 18.86 -9.94
CA VAL B 237 11.17 19.37 -10.00
C VAL B 237 12.16 18.66 -9.08
N LYS B 238 11.84 18.58 -7.78
CA LYS B 238 12.83 18.18 -6.75
C LYS B 238 14.07 19.07 -6.87
N GLU B 239 13.82 20.37 -6.74
CA GLU B 239 14.83 21.42 -6.77
C GLU B 239 14.07 22.67 -6.36
N VAL B 240 13.76 22.76 -5.08
CA VAL B 240 12.69 23.63 -4.59
C VAL B 240 13.16 24.73 -3.66
N HIS B 241 13.60 25.86 -4.21
CA HIS B 241 13.89 27.02 -3.38
C HIS B 241 13.70 28.33 -4.12
N GLU B 242 13.58 28.25 -5.43
CA GLU B 242 13.30 29.43 -6.25
C GLU B 242 11.82 29.46 -6.64
N GLU B 243 11.02 30.23 -5.90
CA GLU B 243 9.58 30.31 -6.13
C GLU B 243 9.26 30.68 -7.57
N ASN B 244 10.13 31.48 -8.17
CA ASN B 244 9.98 31.91 -9.56
C ASN B 244 9.85 30.74 -10.51
N LEU B 245 10.79 29.80 -10.44
CA LEU B 245 10.76 28.67 -11.36
C LEU B 245 9.64 27.69 -11.00
N ILE B 246 9.34 27.56 -9.71
CA ILE B 246 8.25 26.67 -9.30
C ILE B 246 6.92 27.18 -9.82
N ARG B 247 6.73 28.50 -9.79
CA ARG B 247 5.55 29.12 -10.39
C ARG B 247 5.39 28.76 -11.88
N GLU B 248 6.47 28.95 -12.62
CA GLU B 248 6.47 28.69 -14.05
C GLU B 248 6.14 27.24 -14.35
N LYS B 249 6.72 26.34 -13.56
CA LYS B 249 6.47 24.91 -13.75
C LYS B 249 5.01 24.59 -13.48
N LEU B 250 4.49 25.09 -12.36
CA LEU B 250 3.10 24.82 -12.00
C LEU B 250 2.17 25.33 -13.08
N LYS B 251 2.41 26.56 -13.52
CA LYS B 251 1.62 27.19 -14.58
C LYS B 251 1.65 26.36 -15.87
N ASN B 252 2.83 25.91 -16.27
CA ASN B 252 2.97 25.03 -17.45
C ASN B 252 2.14 23.77 -17.36
N ARG B 253 2.27 23.07 -16.23
CA ARG B 253 1.54 21.83 -16.01
C ARG B 253 0.03 22.05 -15.93
N LEU B 254 -0.37 23.19 -15.37
CA LEU B 254 -1.78 23.58 -15.37
C LEU B 254 -2.30 23.61 -16.79
N THR B 255 -1.55 24.24 -17.67
CA THR B 255 -1.94 24.36 -19.07
C THR B 255 -2.03 22.99 -19.74
N LYS B 256 -1.03 22.14 -19.53
CA LYS B 256 -0.93 20.88 -20.27
C LYS B 256 -1.98 19.86 -19.85
N SER B 257 -2.66 20.11 -18.73
CA SER B 257 -3.64 19.14 -18.23
C SER B 257 -5.09 19.63 -18.32
N LEU B 258 -5.32 20.68 -19.09
CA LEU B 258 -6.66 21.21 -19.33
C LEU B 258 -7.66 20.13 -19.74
N THR B 259 -7.29 19.33 -20.75
CA THR B 259 -8.17 18.29 -21.26
C THR B 259 -8.60 17.34 -20.15
N LEU B 260 -7.63 16.90 -19.35
CA LEU B 260 -7.88 16.07 -18.17
C LEU B 260 -8.88 16.72 -17.24
N ASP B 261 -8.61 17.99 -16.96
CA ASP B 261 -9.40 18.74 -16.00
C ASP B 261 -10.84 18.92 -16.50
N LEU B 262 -11.00 19.21 -17.77
CA LEU B 262 -12.35 19.34 -18.32
C LEU B 262 -13.12 18.01 -18.21
N LYS B 263 -12.45 16.88 -18.42
CA LYS B 263 -13.10 15.58 -18.33
C LYS B 263 -13.60 15.26 -16.92
N TYR B 264 -12.70 15.37 -15.94
CA TYR B 264 -13.00 14.98 -14.58
C TYR B 264 -13.61 16.12 -13.78
N LEU B 265 -13.60 17.31 -14.37
CA LEU B 265 -14.04 18.53 -13.69
C LEU B 265 -13.29 18.68 -12.38
N SER B 266 -12.00 18.40 -12.41
CA SER B 266 -11.13 18.55 -11.23
C SER B 266 -9.83 19.19 -11.64
N THR B 267 -8.98 19.55 -10.69
CA THR B 267 -7.69 20.09 -11.07
C THR B 267 -6.56 19.11 -10.72
N GLN B 268 -5.90 18.56 -11.73
CA GLN B 268 -4.93 17.51 -11.52
C GLN B 268 -3.61 18.04 -10.93
N VAL B 269 -3.27 19.29 -11.24
CA VAL B 269 -1.98 19.84 -10.83
C VAL B 269 -2.12 20.78 -9.62
N GLY B 270 -1.27 20.58 -8.63
CA GLY B 270 -1.23 21.46 -7.46
C GLY B 270 -0.99 20.79 -6.12
N PRO B 271 -0.60 21.59 -5.10
CA PRO B 271 -0.27 21.02 -3.79
C PRO B 271 -1.44 20.26 -3.15
N HIS B 272 -2.66 20.50 -3.63
CA HIS B 272 -3.83 19.79 -3.13
C HIS B 272 -3.83 18.32 -3.55
N ARG B 273 -2.90 17.94 -4.40
CA ARG B 273 -2.84 16.56 -4.86
C ARG B 273 -1.48 15.92 -4.58
N GLU B 274 -0.67 16.56 -3.74
CA GLU B 274 0.69 16.08 -3.51
C GLU B 274 0.74 14.99 -2.48
N ASP B 275 1.94 14.46 -2.27
CA ASP B 275 2.15 13.38 -1.33
C ASP B 275 3.63 13.35 -0.95
N PHE B 276 3.97 12.62 0.09
CA PHE B 276 5.37 12.31 0.33
C PHE B 276 5.50 10.88 0.75
N LYS B 277 6.56 10.23 0.30
CA LYS B 277 6.79 8.84 0.60
C LYS B 277 7.59 8.68 1.86
N ILE B 278 7.22 7.70 2.65
CA ILE B 278 7.98 7.39 3.85
C ILE B 278 8.62 6.03 3.68
N LEU B 279 9.94 6.04 3.53
CA LEU B 279 10.70 4.85 3.18
C LEU B 279 11.58 4.34 4.31
N ILE B 280 11.51 3.04 4.54
CA ILE B 280 12.39 2.40 5.50
C ILE B 280 13.36 1.49 4.76
N ASN B 281 14.64 1.80 4.87
CA ASN B 281 15.68 1.06 4.15
C ASN B 281 15.40 1.01 2.64
N GLY B 282 14.94 2.13 2.10
CA GLY B 282 14.72 2.26 0.67
C GLY B 282 13.41 1.71 0.15
N TYR B 283 12.64 1.06 1.01
CA TYR B 283 11.35 0.50 0.62
C TYR B 283 10.16 1.28 1.18
N ASP B 284 9.13 1.41 0.34
CA ASP B 284 7.92 2.13 0.73
C ASP B 284 7.22 1.47 1.90
N SER B 285 7.04 2.22 2.99
CA SER B 285 6.47 1.69 4.23
C SER B 285 4.99 1.37 4.09
N ARG B 286 4.35 2.09 3.18
CA ARG B 286 2.97 1.78 2.86
C ARG B 286 2.81 0.34 2.29
N VAL B 287 3.87 -0.19 1.68
CA VAL B 287 3.73 -1.42 0.89
C VAL B 287 4.49 -2.61 1.48
N TYR B 288 5.72 -2.38 1.95
CA TYR B 288 6.62 -3.45 2.39
C TYR B 288 6.76 -3.61 3.92
N SER B 289 6.29 -2.67 4.71
CA SER B 289 6.63 -2.69 6.13
C SER B 289 5.71 -3.55 7.02
N SER B 290 6.32 -4.22 7.99
CA SER B 290 5.57 -4.99 8.99
C SER B 290 4.66 -4.10 9.82
N GLN B 291 3.77 -4.72 10.57
CA GLN B 291 2.86 -3.98 11.43
C GLN B 291 3.64 -3.22 12.49
N GLY B 292 4.61 -3.91 13.12
CA GLY B 292 5.48 -3.27 14.08
C GLY B 292 6.21 -2.08 13.49
N GLN B 293 6.68 -2.24 12.26
CA GLN B 293 7.41 -1.17 11.56
C GLN B 293 6.53 0.05 11.31
N LYS B 294 5.27 -0.19 10.98
CA LYS B 294 4.32 0.87 10.78
C LYS B 294 4.03 1.66 12.08
N ARG B 295 3.88 0.96 13.20
CA ARG B 295 3.60 1.62 14.47
CA ARG B 295 3.63 1.58 14.50
C ARG B 295 4.82 2.45 14.91
N THR B 296 6.01 1.85 14.82
CA THR B 296 7.26 2.52 15.11
C THR B 296 7.44 3.78 14.28
N ALA B 297 7.16 3.69 12.98
CA ALA B 297 7.29 4.85 12.11
C ALA B 297 6.27 5.93 12.49
N ALA B 298 5.10 5.52 12.95
CA ALA B 298 4.07 6.46 13.34
C ALA B 298 4.57 7.23 14.58
N LEU B 299 5.21 6.50 15.50
CA LEU B 299 5.79 7.07 16.72
C LEU B 299 6.88 8.09 16.38
N CYS B 300 7.77 7.68 15.49
CA CYS B 300 8.87 8.54 15.05
C CYS B 300 8.36 9.79 14.38
N LEU B 301 7.29 9.65 13.60
CA LEU B 301 6.64 10.78 12.97
C LEU B 301 6.18 11.81 14.03
N LYS B 302 5.60 11.32 15.12
CA LYS B 302 5.06 12.23 16.12
C LYS B 302 6.16 12.79 17.01
N LEU B 303 7.14 11.96 17.36
CA LEU B 303 8.29 12.42 18.10
C LEU B 303 8.96 13.53 17.32
N SER B 304 8.99 13.38 16.00
CA SER B 304 9.60 14.40 15.15
C SER B 304 8.75 15.66 15.08
N GLU B 305 7.43 15.50 14.97
CA GLU B 305 6.54 16.65 14.98
C GLU B 305 6.83 17.54 16.23
N LEU B 306 7.04 16.88 17.36
CA LEU B 306 7.29 17.53 18.65
C LEU B 306 8.66 18.21 18.68
N GLU B 307 9.66 17.57 18.07
CA GLU B 307 11.00 18.11 18.12
C GLU B 307 11.10 19.37 17.26
N ILE B 308 10.50 19.29 16.08
CA ILE B 308 10.52 20.38 15.13
C ILE B 308 9.70 21.57 15.67
N LEU B 309 8.57 21.26 16.31
CA LEU B 309 7.72 22.31 16.87
C LEU B 309 8.48 23.12 17.97
N GLU B 310 9.12 22.43 18.91
CA GLU B 310 9.99 23.08 19.90
C GLU B 310 11.13 23.90 19.28
N GLU B 311 11.81 23.33 18.30
CA GLU B 311 12.95 24.02 17.69
CA GLU B 311 12.95 24.00 17.68
C GLU B 311 12.52 25.23 16.88
N GLU B 312 11.40 25.11 16.18
CA GLU B 312 10.93 26.21 15.35
C GLU B 312 10.35 27.38 16.19
N THR B 313 9.70 27.06 17.31
CA THR B 313 8.98 28.08 18.08
C THR B 313 9.71 28.56 19.32
N GLY B 314 10.61 27.74 19.85
CA GLY B 314 11.26 28.04 21.10
C GLY B 314 10.38 27.73 22.29
N GLU B 315 9.26 27.05 22.03
CA GLU B 315 8.29 26.72 23.08
C GLU B 315 8.29 25.22 23.32
N LYS B 316 8.00 24.84 24.55
CA LYS B 316 7.77 23.43 24.88
C LYS B 316 6.27 23.15 24.98
N PRO B 317 5.73 22.33 24.06
CA PRO B 317 4.28 22.12 23.97
C PRO B 317 3.72 21.31 25.11
N VAL B 318 2.41 21.39 25.33
CA VAL B 318 1.73 20.45 26.20
C VAL B 318 1.51 19.19 25.38
N LEU B 319 1.71 18.02 25.97
CA LEU B 319 1.52 16.75 25.28
C LEU B 319 0.13 16.19 25.66
N LEU B 320 -0.66 15.81 24.64
CA LEU B 320 -1.92 15.09 24.83
C LEU B 320 -1.80 13.62 24.36
N LEU B 321 -1.91 12.70 25.31
CA LEU B 321 -1.82 11.29 25.02
C LEU B 321 -3.20 10.65 25.10
N ASP B 322 -3.83 10.57 23.94
CA ASP B 322 -5.19 10.09 23.86
C ASP B 322 -5.24 8.58 23.67
N ASP B 323 -5.47 7.88 24.78
CA ASP B 323 -5.65 6.43 24.79
C ASP B 323 -4.53 5.64 24.10
N VAL B 324 -3.28 5.96 24.45
CA VAL B 324 -2.11 5.28 23.89
C VAL B 324 -1.48 4.35 24.94
N MET B 325 -2.09 4.30 26.11
CA MET B 325 -1.57 3.50 27.22
C MET B 325 -2.37 2.22 27.38
N SER B 326 -3.39 2.09 26.55
CA SER B 326 -4.33 0.97 26.63
C SER B 326 -3.65 -0.40 26.57
N GLU B 327 -2.72 -0.57 25.63
CA GLU B 327 -2.20 -1.91 25.34
C GLU B 327 -0.72 -2.07 25.67
N LEU B 328 -0.21 -1.22 26.55
CA LEU B 328 1.22 -1.24 26.87
C LEU B 328 1.55 -2.14 28.06
N ASP B 329 2.83 -2.42 28.24
CA ASP B 329 3.33 -3.08 29.44
C ASP B 329 3.52 -2.03 30.52
N ASP B 330 3.45 -2.39 31.80
CA ASP B 330 3.63 -1.37 32.84
C ASP B 330 5.12 -1.12 33.10
N ASN B 331 5.98 -1.82 32.34
CA ASN B 331 7.40 -1.49 32.29
C ASN B 331 7.65 -0.57 31.11
N ARG B 332 6.74 -0.62 30.14
CA ARG B 332 6.78 0.28 29.00
C ARG B 332 5.93 1.51 29.30
N LYS B 333 4.97 1.35 30.20
CA LYS B 333 4.19 2.48 30.74
C LYS B 333 5.07 3.34 31.65
N LYS B 334 5.90 2.67 32.46
CA LYS B 334 6.87 3.34 33.33
C LYS B 334 7.96 4.04 32.51
N TYR B 335 8.34 3.39 31.42
CA TYR B 335 9.39 3.93 30.54
C TYR B 335 9.08 5.33 30.06
N ILE B 336 7.89 5.42 29.49
CA ILE B 336 7.37 6.60 28.85
C ILE B 336 7.19 7.69 29.85
N LEU B 337 6.52 7.34 30.97
CA LEU B 337 6.29 8.26 32.07
C LEU B 337 7.50 9.08 32.38
N LYS B 338 8.67 8.45 32.40
CA LYS B 338 9.91 9.18 32.63
C LYS B 338 10.31 10.04 31.41
N LYS B 339 9.98 9.59 30.20
CA LYS B 339 10.26 10.34 28.97
C LYS B 339 9.41 11.60 28.86
N LEU B 340 8.26 11.58 29.54
CA LEU B 340 7.45 12.78 29.56
C LEU B 340 8.22 13.93 30.23
N GLU B 341 8.96 13.65 31.31
CA GLU B 341 9.83 14.62 31.98
C GLU B 341 9.23 16.03 32.10
N GLY B 342 10.01 17.05 31.76
CA GLY B 342 9.56 18.42 31.90
C GLY B 342 8.54 18.89 30.87
N PHE B 343 7.49 18.12 30.66
CA PHE B 343 6.35 18.60 29.89
C PHE B 343 5.18 18.60 30.82
N GLN B 344 4.16 19.39 30.49
CA GLN B 344 2.85 19.09 31.01
C GLN B 344 2.24 18.07 30.08
N SER B 345 1.63 17.02 30.62
CA SER B 345 0.97 16.03 29.78
C SER B 345 -0.40 15.69 30.29
N PHE B 346 -1.32 15.48 29.36
CA PHE B 346 -2.64 14.95 29.69
C PHE B 346 -2.75 13.55 29.10
N ILE B 347 -3.02 12.58 29.97
CA ILE B 347 -3.11 11.18 29.58
C ILE B 347 -4.48 10.58 29.90
N THR B 348 -5.16 10.07 28.88
CA THR B 348 -6.45 9.42 29.10
C THR B 348 -6.24 7.92 29.27
N HIS B 349 -6.87 7.34 30.28
CA HIS B 349 -6.80 5.91 30.52
C HIS B 349 -8.13 5.36 31.05
N THR B 350 -8.15 4.07 31.36
CA THR B 350 -9.34 3.41 31.91
C THR B 350 -9.19 3.18 33.41
N SER B 351 -7.98 2.87 33.85
CA SER B 351 -7.71 2.63 35.26
C SER B 351 -6.80 3.72 35.86
N LYS B 352 -6.70 3.72 37.18
CA LYS B 352 -5.99 4.76 37.92
C LYS B 352 -4.61 4.29 38.30
N SER B 353 -4.42 2.98 38.35
CA SER B 353 -3.12 2.43 38.69
C SER B 353 -2.35 2.04 37.45
N ASP B 354 -1.11 1.67 37.65
CA ASP B 354 -0.18 1.10 36.64
C ASP B 354 0.34 2.11 35.68
N VAL B 355 -0.06 3.32 35.99
CA VAL B 355 0.63 4.47 35.51
C VAL B 355 0.71 5.37 36.76
N GLU B 356 1.81 6.10 36.82
CA GLU B 356 2.00 7.14 37.83
C GLU B 356 1.58 8.47 37.23
N GLY B 357 1.02 9.32 38.05
CA GLY B 357 0.74 10.61 37.51
C GLY B 357 0.85 11.56 38.66
N ASP B 358 0.75 12.85 38.39
CA ASP B 358 0.98 13.85 39.41
C ASP B 358 -0.36 14.44 39.87
N CYS B 359 -1.32 14.48 38.95
CA CYS B 359 -2.69 14.82 39.27
C CYS B 359 -3.58 13.78 38.61
N CYS B 360 -4.42 13.13 39.38
CA CYS B 360 -5.36 12.18 38.79
C CYS B 360 -6.78 12.75 38.74
N PHE B 361 -7.44 12.54 37.63
CA PHE B 361 -8.82 13.00 37.45
C PHE B 361 -9.68 11.83 37.01
N LYS B 362 -10.83 11.70 37.65
CA LYS B 362 -11.80 10.70 37.22
C LYS B 362 -12.98 11.42 36.57
N ILE B 363 -13.27 11.03 35.34
CA ILE B 363 -14.42 11.57 34.61
C ILE B 363 -15.55 10.56 34.58
N TYR B 364 -16.65 10.90 35.22
CA TYR B 364 -17.86 10.07 35.17
C TYR B 364 -19.07 10.98 35.10
N ASP B 365 -19.85 10.87 34.05
CA ASP B 365 -21.06 11.63 33.95
C ASP B 365 -20.68 13.07 33.84
N GLY B 366 -19.54 13.35 33.24
CA GLY B 366 -19.22 14.66 32.76
C GLY B 366 -18.64 15.57 33.80
N ILE B 367 -18.38 15.02 34.97
CA ILE B 367 -17.81 15.79 36.05
C ILE B 367 -16.36 15.37 36.20
N VAL B 368 -15.40 16.27 36.09
CA VAL B 368 -14.07 15.74 36.25
C VAL B 368 -13.67 15.97 37.68
N ASP B 369 -13.34 14.89 38.38
CA ASP B 369 -13.10 14.96 39.81
C ASP B 369 -11.62 14.66 40.10
N LYS B 370 -10.95 15.57 40.79
CA LYS B 370 -9.55 15.39 41.15
C LYS B 370 -9.83 14.08 41.93
N LEU B 371 -9.00 13.08 41.73
CA LEU B 371 -8.57 11.99 42.58
C LEU B 371 -9.42 10.77 42.97
N ALA B 372 -10.61 10.61 42.38
CA ALA B 372 -11.38 9.37 42.20
C ALA B 372 -12.85 9.54 42.54
#